data_2XXJ
#
_entry.id   2XXJ
#
_cell.length_a   57.150
_cell.length_b   147.360
_cell.length_c   152.280
_cell.angle_alpha   90.00
_cell.angle_beta   90.00
_cell.angle_gamma   90.00
#
_symmetry.space_group_name_H-M   'P 21 21 21'
#
loop_
_entity.id
_entity.type
_entity.pdbx_description
1 polymer 'L-LACTATE DEHYDROGENASE'
2 non-polymer 'SULFATE ION'
3 non-polymer 'OXAMIC ACID'
4 non-polymer NICOTINAMIDE-ADENINE-DINUCLEOTIDE
5 water water
#
_entity_poly.entity_id   1
_entity_poly.type   'polypeptide(L)'
_entity_poly.pdbx_seq_one_letter_code
;MKVGIVGSGMVGSATAYALALLGVAREVVLVDLDRKLAQAHAEDILHATPFAHPVWVWAGSYGDLEGARAVVLAAGVAQR
PGETRLQLLDRNAQVFAQVVPRVLEAAPEAVLLVATNPVDVMTQVAYALSGLPPGRVVGSGTILDTARFRALLAEYLRVA
PQSVHAYVLGEHGDSEVLVWSSAQVGGVPLLEFAEARGRALSPEDRARIDEGVRRAAYRIIEGKGATYYGIGAGLARLVR
AILTDEKGVYTVSAFTPEVAGVLEVSLSLPRILGAGGVAGTVYPSLSPEERAALRRSAEILKEAAFALGF
;
_entity_poly.pdbx_strand_id   A,B,C,D
#
loop_
_chem_comp.id
_chem_comp.type
_chem_comp.name
_chem_comp.formula
NAD non-polymer NICOTINAMIDE-ADENINE-DINUCLEOTIDE 'C21 H27 N7 O14 P2'
OXM non-polymer 'OXAMIC ACID' 'C2 H3 N O3'
SO4 non-polymer 'SULFATE ION' 'O4 S -2'
#
# COMPACT_ATOMS: atom_id res chain seq x y z
N MET A 1 -15.26 7.26 -3.55
CA MET A 1 -14.98 8.69 -3.43
C MET A 1 -14.44 9.22 -4.75
N LYS A 2 -14.69 10.49 -5.01
CA LYS A 2 -14.35 11.10 -6.29
C LYS A 2 -13.40 12.31 -6.16
N VAL A 3 -12.42 12.36 -7.04
CA VAL A 3 -11.54 13.53 -7.10
C VAL A 3 -11.64 14.15 -8.47
N GLY A 4 -11.66 15.49 -8.52
CA GLY A 4 -11.67 16.20 -9.77
C GLY A 4 -10.33 16.89 -9.99
N ILE A 5 -9.97 17.05 -11.25
CA ILE A 5 -8.75 17.76 -11.62
C ILE A 5 -9.07 18.64 -12.81
N VAL A 6 -9.04 19.95 -12.58
CA VAL A 6 -9.30 20.93 -13.63
C VAL A 6 -7.98 21.40 -14.23
N GLY A 7 -7.77 21.08 -15.49
CA GLY A 7 -6.48 21.33 -16.14
C GLY A 7 -5.80 20.00 -16.37
N SER A 8 -5.78 19.58 -17.62
CA SER A 8 -5.25 18.28 -18.02
CA SER A 8 -5.23 18.28 -18.00
C SER A 8 -3.92 18.40 -18.76
N GLY A 9 -3.07 19.31 -18.31
CA GLY A 9 -1.72 19.39 -18.83
C GLY A 9 -0.86 18.37 -18.10
N MET A 10 0.46 18.52 -18.18
CA MET A 10 1.36 17.57 -17.53
C MET A 10 1.14 17.48 -16.01
N VAL A 11 0.89 18.61 -15.36
CA VAL A 11 0.70 18.59 -13.91
C VAL A 11 -0.61 17.90 -13.50
N GLY A 12 -1.71 18.29 -14.12
CA GLY A 12 -2.98 17.65 -13.85
C GLY A 12 -3.00 16.15 -14.17
N SER A 13 -2.43 15.78 -15.31
CA SER A 13 -2.42 14.38 -15.72
C SER A 13 -1.50 13.53 -14.84
N ALA A 14 -0.32 14.07 -14.47
CA ALA A 14 0.59 13.34 -13.57
C ALA A 14 -0.04 13.13 -12.21
N THR A 15 -0.81 14.13 -11.74
CA THR A 15 -1.55 14.00 -10.48
C THR A 15 -2.58 12.88 -10.59
N ALA A 16 -3.31 12.87 -11.70
CA ALA A 16 -4.35 11.88 -11.93
C ALA A 16 -3.75 10.49 -12.00
N TYR A 17 -2.56 10.39 -12.55
CA TYR A 17 -1.85 9.13 -12.70
C TYR A 17 -1.39 8.60 -11.35
N ALA A 18 -0.87 9.48 -10.50
CA ALA A 18 -0.43 9.10 -9.16
C ALA A 18 -1.63 8.69 -8.31
N LEU A 19 -2.73 9.41 -8.45
CA LEU A 19 -3.96 9.05 -7.77
C LEU A 19 -4.40 7.65 -8.16
N ALA A 20 -4.35 7.37 -9.46
CA ALA A 20 -4.80 6.08 -9.95
C ALA A 20 -3.90 4.95 -9.45
N LEU A 21 -2.60 5.08 -9.71
CA LEU A 21 -1.69 4.00 -9.36
C LEU A 21 -1.63 3.74 -7.87
N LEU A 22 -1.87 4.78 -7.06
CA LEU A 22 -1.88 4.59 -5.60
C LEU A 22 -3.28 4.26 -5.07
N GLY A 23 -4.25 4.16 -5.97
CA GLY A 23 -5.61 3.83 -5.58
C GLY A 23 -6.21 4.77 -4.55
N VAL A 24 -5.86 6.05 -4.62
CA VAL A 24 -6.33 7.01 -3.63
C VAL A 24 -7.84 7.19 -3.63
N ALA A 25 -8.45 7.16 -4.81
CA ALA A 25 -9.90 7.37 -4.95
C ALA A 25 -10.48 6.40 -5.96
N ARG A 26 -11.77 6.08 -5.81
CA ARG A 26 -12.48 5.21 -6.75
C ARG A 26 -12.76 5.88 -8.11
N GLU A 27 -12.88 7.20 -8.11
CA GLU A 27 -13.22 7.96 -9.31
C GLU A 27 -12.34 9.19 -9.45
N VAL A 28 -11.83 9.39 -10.66
CA VAL A 28 -10.98 10.53 -10.96
C VAL A 28 -11.44 11.13 -12.28
N VAL A 29 -11.84 12.41 -12.24
CA VAL A 29 -12.40 13.09 -13.40
C VAL A 29 -11.50 14.23 -13.85
N LEU A 30 -11.15 14.25 -15.13
CA LEU A 30 -10.32 15.32 -15.68
C LEU A 30 -11.19 16.31 -16.46
N VAL A 31 -10.95 17.59 -16.24
CA VAL A 31 -11.68 18.64 -16.96
C VAL A 31 -10.70 19.58 -17.66
N ASP A 32 -10.93 19.84 -18.93
CA ASP A 32 -10.07 20.76 -19.68
C ASP A 32 -10.80 21.24 -20.93
N LEU A 33 -10.67 22.54 -21.21
CA LEU A 33 -11.33 23.12 -22.35
C LEU A 33 -10.90 22.40 -23.63
N ASP A 34 -9.61 22.03 -23.68
CA ASP A 34 -9.14 21.17 -24.74
C ASP A 34 -9.67 19.78 -24.45
N ARG A 35 -10.89 19.51 -24.92
CA ARG A 35 -11.59 18.26 -24.62
C ARG A 35 -10.83 17.01 -25.04
N LYS A 36 -10.28 17.02 -26.25
CA LYS A 36 -9.54 15.86 -26.76
C LYS A 36 -8.31 15.55 -25.92
N LEU A 37 -7.74 16.58 -25.31
CA LEU A 37 -6.54 16.40 -24.51
C LEU A 37 -6.91 15.69 -23.21
N ALA A 38 -7.94 16.19 -22.52
CA ALA A 38 -8.38 15.57 -21.28
C ALA A 38 -8.82 14.13 -21.54
N GLN A 39 -9.49 13.92 -22.67
CA GLN A 39 -9.96 12.58 -23.01
C GLN A 39 -8.79 11.63 -23.23
N ALA A 40 -7.76 12.12 -23.90
CA ALA A 40 -6.59 11.32 -24.24
C ALA A 40 -5.84 10.93 -22.99
N HIS A 41 -5.67 11.86 -22.05
CA HIS A 41 -5.04 11.53 -20.76
C HIS A 41 -5.93 10.60 -19.96
N ALA A 42 -7.24 10.86 -19.93
CA ALA A 42 -8.13 9.99 -19.16
C ALA A 42 -8.07 8.57 -19.70
N GLU A 43 -8.06 8.43 -21.02
CA GLU A 43 -7.94 7.11 -21.64
C GLU A 43 -6.60 6.43 -21.32
N ASP A 44 -5.51 7.17 -21.48
CA ASP A 44 -4.17 6.63 -21.20
C ASP A 44 -4.05 6.16 -19.74
N ILE A 45 -4.61 6.93 -18.82
CA ILE A 45 -4.57 6.60 -17.39
C ILE A 45 -5.50 5.43 -17.03
N LEU A 46 -6.68 5.40 -17.65
CA LEU A 46 -7.60 4.30 -17.42
C LEU A 46 -6.93 2.99 -17.77
N HIS A 47 -6.11 3.01 -18.81
CA HIS A 47 -5.51 1.79 -19.32
C HIS A 47 -4.43 1.28 -18.39
N ALA A 48 -3.95 2.13 -17.49
CA ALA A 48 -2.98 1.71 -16.47
C ALA A 48 -3.66 0.95 -15.32
N THR A 49 -4.95 1.17 -15.14
CA THR A 49 -5.58 0.69 -13.91
C THR A 49 -5.61 -0.83 -13.71
N PRO A 50 -5.77 -1.61 -14.79
CA PRO A 50 -5.73 -3.07 -14.56
C PRO A 50 -4.40 -3.58 -13.99
N PHE A 51 -3.34 -2.77 -14.04
CA PHE A 51 -2.04 -3.19 -13.51
C PHE A 51 -1.88 -2.79 -12.05
N ALA A 52 -2.90 -2.14 -11.49
CA ALA A 52 -2.83 -1.60 -10.14
C ALA A 52 -4.16 -1.69 -9.37
N HIS A 53 -4.92 -0.59 -9.33
CA HIS A 53 -6.18 -0.53 -8.58
C HIS A 53 -7.33 -0.11 -9.49
N PRO A 54 -8.55 -0.54 -9.16
CA PRO A 54 -9.69 -0.14 -9.97
C PRO A 54 -10.03 1.31 -9.71
N VAL A 55 -10.00 2.12 -10.76
CA VAL A 55 -10.35 3.53 -10.68
C VAL A 55 -11.12 3.91 -11.94
N TRP A 56 -12.32 4.46 -11.78
CA TRP A 56 -13.04 5.02 -12.92
C TRP A 56 -12.40 6.36 -13.25
N VAL A 57 -11.65 6.39 -14.34
CA VAL A 57 -11.01 7.60 -14.81
C VAL A 57 -11.69 8.02 -16.10
N TRP A 58 -12.09 9.28 -16.19
CA TRP A 58 -12.71 9.79 -17.40
C TRP A 58 -12.57 11.30 -17.52
N ALA A 59 -12.86 11.83 -18.71
CA ALA A 59 -12.84 13.27 -18.92
C ALA A 59 -14.27 13.78 -19.03
N GLY A 60 -14.53 14.94 -18.44
CA GLY A 60 -15.87 15.49 -18.47
C GLY A 60 -15.91 16.97 -18.24
N SER A 61 -17.09 17.49 -17.92
CA SER A 61 -17.26 18.91 -17.68
C SER A 61 -17.52 19.15 -16.19
N TYR A 62 -17.80 20.39 -15.84
CA TYR A 62 -17.97 20.70 -14.43
C TYR A 62 -19.03 19.82 -13.77
N GLY A 63 -20.10 19.53 -14.52
CA GLY A 63 -21.18 18.69 -14.02
C GLY A 63 -20.66 17.34 -13.55
N ASP A 64 -19.65 16.81 -14.22
CA ASP A 64 -19.05 15.54 -13.84
C ASP A 64 -18.37 15.59 -12.46
N LEU A 65 -18.13 16.80 -11.95
CA LEU A 65 -17.49 16.97 -10.65
C LEU A 65 -18.41 16.74 -9.44
N GLU A 66 -19.71 16.57 -9.67
CA GLU A 66 -20.65 16.41 -8.57
C GLU A 66 -20.22 15.27 -7.65
N GLY A 67 -20.23 15.52 -6.34
CA GLY A 67 -19.79 14.52 -5.38
C GLY A 67 -18.30 14.52 -5.07
N ALA A 68 -17.53 15.35 -5.77
CA ALA A 68 -16.09 15.44 -5.53
C ALA A 68 -15.78 15.96 -4.13
N ARG A 69 -14.86 15.32 -3.42
CA ARG A 69 -14.50 15.76 -2.08
C ARG A 69 -13.29 16.66 -2.15
N ALA A 70 -12.57 16.56 -3.26
CA ALA A 70 -11.47 17.45 -3.55
C ALA A 70 -11.38 17.70 -5.05
N VAL A 71 -11.06 18.94 -5.40
CA VAL A 71 -10.81 19.28 -6.79
C VAL A 71 -9.47 20.01 -6.93
N VAL A 72 -8.58 19.44 -7.73
CA VAL A 72 -7.29 20.04 -7.97
C VAL A 72 -7.38 21.05 -9.11
N LEU A 73 -6.90 22.26 -8.89
CA LEU A 73 -6.86 23.26 -9.95
C LEU A 73 -5.46 23.36 -10.52
N ALA A 74 -5.23 22.70 -11.65
CA ALA A 74 -3.96 22.77 -12.35
C ALA A 74 -4.23 23.40 -13.71
N ALA A 75 -4.97 24.50 -13.70
CA ALA A 75 -5.50 25.07 -14.92
C ALA A 75 -4.74 26.29 -15.45
N GLY A 76 -3.44 26.37 -15.15
CA GLY A 76 -2.62 27.45 -15.69
C GLY A 76 -2.48 27.38 -17.19
N VAL A 77 -2.72 28.49 -17.88
CA VAL A 77 -2.58 28.56 -19.34
C VAL A 77 -1.12 28.63 -19.76
N ALA A 78 -0.87 28.29 -21.02
CA ALA A 78 0.49 28.30 -21.57
C ALA A 78 0.97 29.72 -21.87
N GLN A 79 2.17 30.06 -21.37
CA GLN A 79 2.72 31.39 -21.57
C GLN A 79 3.09 31.65 -23.02
N ARG A 80 2.62 32.78 -23.56
CA ARG A 80 2.91 33.18 -24.92
C ARG A 80 4.31 33.80 -25.02
N PRO A 81 4.90 33.76 -26.22
CA PRO A 81 6.23 34.35 -26.47
C PRO A 81 6.31 35.84 -26.09
N GLY A 82 7.19 36.17 -25.15
CA GLY A 82 7.37 37.53 -24.70
C GLY A 82 6.17 38.09 -23.95
N GLU A 83 5.49 37.23 -23.20
CA GLU A 83 4.29 37.63 -22.49
C GLU A 83 4.60 38.28 -21.15
N THR A 84 5.68 37.84 -20.52
CA THR A 84 6.09 38.29 -19.19
C THR A 84 5.23 37.70 -18.07
N ARG A 85 5.78 37.72 -16.87
CA ARG A 85 5.14 37.12 -15.70
C ARG A 85 3.78 37.72 -15.39
N LEU A 86 3.75 39.04 -15.27
CA LEU A 86 2.56 39.73 -14.78
C LEU A 86 1.38 39.57 -15.72
N GLN A 87 1.64 39.48 -17.02
CA GLN A 87 0.57 39.26 -17.98
C GLN A 87 -0.02 37.87 -17.76
N LEU A 88 0.86 36.88 -17.64
CA LEU A 88 0.45 35.51 -17.39
C LEU A 88 -0.43 35.45 -16.15
N LEU A 89 0.02 36.12 -15.09
CA LEU A 89 -0.73 36.15 -13.83
C LEU A 89 -2.18 36.53 -14.08
N ASP A 90 -2.38 37.63 -14.81
CA ASP A 90 -3.70 38.14 -15.12
C ASP A 90 -4.54 37.10 -15.83
N ARG A 91 -4.00 36.55 -16.92
CA ARG A 91 -4.70 35.53 -17.69
C ARG A 91 -5.10 34.37 -16.79
N ASN A 92 -4.16 33.90 -15.97
CA ASN A 92 -4.44 32.81 -15.04
C ASN A 92 -5.48 33.21 -13.98
N ALA A 93 -5.37 34.44 -13.49
CA ALA A 93 -6.31 34.94 -12.50
C ALA A 93 -7.70 34.98 -13.11
N GLN A 94 -7.77 35.23 -14.41
CA GLN A 94 -9.06 35.30 -15.10
C GLN A 94 -9.60 33.89 -15.37
N VAL A 95 -8.71 32.95 -15.66
CA VAL A 95 -9.15 31.56 -15.78
C VAL A 95 -9.81 31.13 -14.48
N PHE A 96 -9.17 31.44 -13.36
CA PHE A 96 -9.68 31.07 -12.06
C PHE A 96 -11.02 31.72 -11.79
N ALA A 97 -11.19 32.93 -12.31
CA ALA A 97 -12.47 33.62 -12.20
C ALA A 97 -13.61 32.80 -12.81
N GLN A 98 -13.34 32.10 -13.90
CA GLN A 98 -14.36 31.24 -14.53
C GLN A 98 -14.46 29.86 -13.85
N VAL A 99 -13.32 29.35 -13.41
CA VAL A 99 -13.23 27.98 -12.92
C VAL A 99 -13.82 27.80 -11.54
N VAL A 100 -13.44 28.67 -10.62
CA VAL A 100 -13.81 28.49 -9.22
C VAL A 100 -15.32 28.37 -9.00
N PRO A 101 -16.09 29.37 -9.46
CA PRO A 101 -17.54 29.29 -9.23
C PRO A 101 -18.18 28.06 -9.89
N ARG A 102 -17.70 27.66 -11.06
CA ARG A 102 -18.30 26.52 -11.74
C ARG A 102 -17.96 25.19 -11.04
N VAL A 103 -16.77 25.13 -10.46
CA VAL A 103 -16.42 23.96 -9.67
C VAL A 103 -17.33 23.87 -8.44
N LEU A 104 -17.47 25.00 -7.73
CA LEU A 104 -18.23 25.00 -6.49
C LEU A 104 -19.73 24.84 -6.69
N GLU A 105 -20.20 25.16 -7.89
CA GLU A 105 -21.60 24.93 -8.24
C GLU A 105 -21.88 23.43 -8.33
N ALA A 106 -20.94 22.70 -8.93
CA ALA A 106 -21.11 21.26 -9.09
C ALA A 106 -20.72 20.48 -7.84
N ALA A 107 -19.68 20.95 -7.14
CA ALA A 107 -19.20 20.27 -5.94
C ALA A 107 -19.07 21.25 -4.77
N PRO A 108 -20.21 21.66 -4.19
CA PRO A 108 -20.22 22.72 -3.17
C PRO A 108 -19.45 22.38 -1.90
N GLU A 109 -19.23 21.10 -1.63
CA GLU A 109 -18.44 20.70 -0.47
C GLU A 109 -16.97 20.36 -0.77
N ALA A 110 -16.49 20.66 -1.97
CA ALA A 110 -15.14 20.28 -2.37
C ALA A 110 -14.09 21.12 -1.67
N VAL A 111 -13.00 20.48 -1.27
CA VAL A 111 -11.81 21.23 -0.87
C VAL A 111 -11.07 21.56 -2.16
N LEU A 112 -10.64 22.81 -2.34
CA LEU A 112 -9.92 23.19 -3.54
C LEU A 112 -8.42 23.11 -3.27
N LEU A 113 -7.71 22.46 -4.18
CA LEU A 113 -6.27 22.30 -4.07
C LEU A 113 -5.66 22.97 -5.28
N VAL A 114 -5.08 24.14 -5.04
CA VAL A 114 -4.47 24.98 -6.07
C VAL A 114 -3.04 24.51 -6.37
N ALA A 115 -2.74 24.27 -7.65
CA ALA A 115 -1.41 23.88 -8.05
C ALA A 115 -0.75 24.95 -8.93
N THR A 116 -1.59 25.73 -9.60
CA THR A 116 -1.15 26.75 -10.54
C THR A 116 -0.17 27.75 -9.92
N ASN A 117 0.97 27.97 -10.60
CA ASN A 117 1.95 28.95 -10.15
C ASN A 117 1.66 30.38 -10.58
N PRO A 118 2.09 31.37 -9.77
CA PRO A 118 2.73 31.17 -8.47
C PRO A 118 1.69 30.77 -7.44
N VAL A 119 1.91 29.63 -6.78
CA VAL A 119 0.88 28.98 -5.96
CA VAL A 119 0.89 28.98 -5.96
C VAL A 119 0.31 29.88 -4.87
N ASP A 120 1.15 30.68 -4.25
CA ASP A 120 0.70 31.48 -3.12
C ASP A 120 -0.32 32.54 -3.54
N VAL A 121 -0.01 33.26 -4.61
CA VAL A 121 -0.93 34.24 -5.18
C VAL A 121 -2.19 33.57 -5.68
N MET A 122 -2.04 32.48 -6.42
CA MET A 122 -3.18 31.78 -6.99
C MET A 122 -4.09 31.17 -5.92
N THR A 123 -3.48 30.77 -4.81
CA THR A 123 -4.25 30.30 -3.66
C THR A 123 -5.06 31.46 -3.08
N GLN A 124 -4.43 32.63 -3.00
CA GLN A 124 -5.10 33.83 -2.53
C GLN A 124 -6.29 34.15 -3.45
N VAL A 125 -6.04 34.10 -4.76
CA VAL A 125 -7.08 34.32 -5.76
C VAL A 125 -8.24 33.35 -5.60
N ALA A 126 -7.93 32.06 -5.55
CA ALA A 126 -8.95 31.04 -5.37
C ALA A 126 -9.73 31.27 -4.08
N TYR A 127 -9.03 31.61 -3.00
CA TYR A 127 -9.70 31.83 -1.74
C TYR A 127 -10.72 32.95 -1.87
N ALA A 128 -10.24 34.11 -2.33
CA ALA A 128 -11.09 35.29 -2.48
C ALA A 128 -12.32 35.02 -3.34
N LEU A 129 -12.10 34.39 -4.50
CA LEU A 129 -13.18 34.04 -5.40
C LEU A 129 -14.18 33.03 -4.81
N SER A 130 -13.67 32.11 -4.00
CA SER A 130 -14.49 30.98 -3.55
C SER A 130 -15.60 31.45 -2.63
N GLY A 131 -15.28 32.44 -1.80
CA GLY A 131 -16.21 32.87 -0.78
C GLY A 131 -16.35 31.82 0.30
N LEU A 132 -15.40 30.89 0.34
CA LEU A 132 -15.41 29.82 1.33
C LEU A 132 -14.61 30.18 2.57
N PRO A 133 -14.79 29.42 3.66
CA PRO A 133 -13.93 29.65 4.82
C PRO A 133 -12.47 29.37 4.45
N PRO A 134 -11.52 30.05 5.09
CA PRO A 134 -10.10 30.02 4.73
C PRO A 134 -9.51 28.60 4.60
N GLY A 135 -9.92 27.68 5.46
CA GLY A 135 -9.33 26.35 5.44
C GLY A 135 -9.75 25.47 4.28
N ARG A 136 -10.76 25.90 3.54
CA ARG A 136 -11.32 25.10 2.44
C ARG A 136 -10.49 25.20 1.16
N VAL A 137 -9.60 26.17 1.10
CA VAL A 137 -8.83 26.41 -0.12
C VAL A 137 -7.34 26.37 0.19
N VAL A 138 -6.65 25.39 -0.40
CA VAL A 138 -5.27 25.11 -0.06
C VAL A 138 -4.43 25.06 -1.32
N GLY A 139 -3.19 25.53 -1.21
CA GLY A 139 -2.26 25.47 -2.33
C GLY A 139 -1.12 24.52 -2.02
N SER A 140 -0.54 23.91 -3.04
CA SER A 140 0.53 22.95 -2.81
C SER A 140 1.67 23.57 -2.00
N GLY A 141 1.86 24.88 -2.13
CA GLY A 141 2.83 25.59 -1.31
C GLY A 141 4.23 24.99 -1.32
N THR A 142 4.84 24.89 -0.13
CA THR A 142 6.20 24.40 -0.03
C THR A 142 6.31 22.89 0.23
N ILE A 143 5.26 22.13 -0.08
CA ILE A 143 5.25 20.69 0.16
C ILE A 143 6.51 19.96 -0.37
N LEU A 144 6.87 20.23 -1.62
CA LEU A 144 8.09 19.67 -2.23
C LEU A 144 9.39 20.27 -1.65
N ASP A 145 9.38 21.55 -1.33
CA ASP A 145 10.55 22.19 -0.74
C ASP A 145 10.86 21.55 0.61
N THR A 146 9.81 21.36 1.42
CA THR A 146 9.94 20.72 2.71
C THR A 146 10.51 19.30 2.58
N ALA A 147 9.97 18.50 1.67
CA ALA A 147 10.46 17.15 1.44
C ALA A 147 11.93 17.18 0.99
N ARG A 148 12.28 18.16 0.18
CA ARG A 148 13.62 18.25 -0.38
C ARG A 148 14.60 18.65 0.74
N PHE A 149 14.16 19.57 1.59
CA PHE A 149 14.90 19.96 2.79
C PHE A 149 15.25 18.71 3.62
N ARG A 150 14.24 17.91 3.93
CA ARG A 150 14.45 16.68 4.68
C ARG A 150 15.39 15.71 3.97
N ALA A 151 15.24 15.58 2.65
CA ALA A 151 16.07 14.65 1.89
C ALA A 151 17.56 15.03 1.93
N LEU A 152 17.84 16.31 1.75
CA LEU A 152 19.22 16.78 1.79
C LEU A 152 19.80 16.68 3.19
N LEU A 153 18.99 17.03 4.18
CA LEU A 153 19.45 16.97 5.57
C LEU A 153 19.70 15.52 5.94
N ALA A 154 18.82 14.64 5.45
CA ALA A 154 18.94 13.21 5.69
C ALA A 154 20.24 12.64 5.11
N GLU A 155 20.57 13.06 3.90
CA GLU A 155 21.81 12.63 3.26
C GLU A 155 23.01 13.11 4.07
N TYR A 156 22.94 14.37 4.49
CA TYR A 156 23.99 15.00 5.28
C TYR A 156 24.22 14.27 6.61
N LEU A 157 23.13 13.89 7.27
CA LEU A 157 23.20 13.23 8.57
C LEU A 157 23.34 11.71 8.50
N ARG A 158 23.24 11.14 7.30
CA ARG A 158 23.23 9.69 7.15
C ARG A 158 22.09 9.01 7.92
N VAL A 159 20.89 9.56 7.79
CA VAL A 159 19.70 8.94 8.37
C VAL A 159 18.56 8.90 7.34
N ALA A 160 17.46 8.25 7.71
CA ALA A 160 16.29 8.15 6.85
C ALA A 160 15.54 9.49 6.79
N PRO A 161 15.13 9.91 5.59
CA PRO A 161 14.32 11.11 5.39
C PRO A 161 13.09 11.08 6.28
N GLN A 162 12.54 9.90 6.50
CA GLN A 162 11.35 9.77 7.34
C GLN A 162 11.62 10.11 8.82
N SER A 163 12.88 10.13 9.22
CA SER A 163 13.23 10.49 10.60
C SER A 163 13.42 11.99 10.78
N VAL A 164 13.52 12.73 9.67
CA VAL A 164 13.85 14.16 9.72
C VAL A 164 12.60 15.03 9.62
N HIS A 165 12.35 15.81 10.67
CA HIS A 165 11.14 16.60 10.70
C HIS A 165 11.49 18.06 10.70
N ALA A 166 11.50 18.62 9.50
CA ALA A 166 11.99 19.97 9.24
C ALA A 166 11.06 20.60 8.23
N TYR A 167 10.89 21.92 8.30
CA TYR A 167 9.94 22.59 7.43
C TYR A 167 10.54 23.72 6.59
N VAL A 168 9.92 23.95 5.45
CA VAL A 168 10.16 25.16 4.66
C VAL A 168 8.88 25.98 4.73
N LEU A 169 9.01 27.24 5.16
CA LEU A 169 7.85 28.14 5.34
C LEU A 169 7.83 29.29 4.34
N GLY A 170 6.66 29.89 4.18
CA GLY A 170 6.52 31.11 3.39
C GLY A 170 6.21 30.89 1.93
N GLU A 171 6.90 31.68 1.09
CA GLU A 171 6.69 31.64 -0.35
C GLU A 171 7.29 30.39 -0.96
N HIS A 172 6.55 29.76 -1.86
CA HIS A 172 7.11 28.71 -2.68
C HIS A 172 7.97 29.40 -3.74
N GLY A 173 9.23 29.63 -3.40
CA GLY A 173 10.15 30.31 -4.30
C GLY A 173 11.32 30.92 -3.57
N ASP A 174 11.87 31.99 -4.16
CA ASP A 174 13.12 32.59 -3.68
C ASP A 174 13.15 33.00 -2.21
N SER A 175 12.02 33.44 -1.66
CA SER A 175 12.04 33.93 -0.29
C SER A 175 11.60 32.90 0.74
N GLU A 176 11.58 31.62 0.34
CA GLU A 176 11.18 30.55 1.25
C GLU A 176 12.13 30.52 2.45
N VAL A 177 11.60 30.15 3.61
CA VAL A 177 12.40 30.15 4.83
C VAL A 177 12.66 28.73 5.33
N LEU A 178 13.89 28.26 5.20
CA LEU A 178 14.26 26.98 5.81
C LEU A 178 14.36 27.16 7.32
N VAL A 179 13.58 26.38 8.06
CA VAL A 179 13.56 26.48 9.51
C VAL A 179 14.51 25.47 10.12
N TRP A 180 15.70 25.93 10.48
CA TRP A 180 16.70 25.08 11.11
C TRP A 180 16.52 25.00 12.63
N SER A 181 16.09 26.09 13.23
CA SER A 181 16.15 26.24 14.69
C SER A 181 15.40 25.13 15.44
N SER A 182 14.20 24.82 14.97
CA SER A 182 13.33 23.90 15.69
C SER A 182 13.18 22.56 15.00
N ALA A 183 14.01 22.32 14.00
CA ALA A 183 14.02 21.03 13.30
C ALA A 183 14.47 19.92 14.24
N GLN A 184 14.01 18.70 13.99
CA GLN A 184 14.30 17.56 14.86
C GLN A 184 14.49 16.32 14.02
N VAL A 185 15.23 15.36 14.55
CA VAL A 185 15.47 14.11 13.87
C VAL A 185 15.16 13.00 14.85
N GLY A 186 14.14 12.20 14.56
CA GLY A 186 13.70 11.15 15.47
C GLY A 186 13.49 11.59 16.92
N GLY A 187 12.95 12.80 17.09
CA GLY A 187 12.68 13.34 18.41
C GLY A 187 13.81 14.17 19.01
N VAL A 188 14.99 14.13 18.38
CA VAL A 188 16.14 14.87 18.89
C VAL A 188 16.30 16.24 18.22
N PRO A 189 16.42 17.31 19.03
CA PRO A 189 16.69 18.61 18.43
C PRO A 189 17.85 18.47 17.47
N LEU A 190 17.76 19.13 16.32
CA LEU A 190 18.70 18.89 15.24
C LEU A 190 20.17 19.11 15.64
N LEU A 191 20.43 20.14 16.44
CA LEU A 191 21.79 20.43 16.88
C LEU A 191 22.40 19.26 17.65
N GLU A 192 21.66 18.73 18.61
CA GLU A 192 22.13 17.59 19.39
C GLU A 192 22.33 16.36 18.54
N PHE A 193 21.48 16.21 17.52
CA PHE A 193 21.58 15.06 16.64
C PHE A 193 22.78 15.17 15.70
N ALA A 194 22.98 16.35 15.12
CA ALA A 194 24.10 16.55 14.23
C ALA A 194 25.41 16.24 14.98
N GLU A 195 25.55 16.73 16.20
CA GLU A 195 26.74 16.45 16.98
C GLU A 195 26.92 14.94 17.19
N ALA A 196 25.81 14.25 17.46
CA ALA A 196 25.84 12.81 17.66
C ALA A 196 26.35 12.08 16.43
N ARG A 197 26.39 12.76 15.29
CA ARG A 197 26.77 12.14 14.04
C ARG A 197 28.11 12.66 13.51
N GLY A 198 28.81 13.43 14.33
CA GLY A 198 30.08 13.98 13.90
C GLY A 198 29.90 15.11 12.91
N ARG A 199 28.71 15.69 12.88
CA ARG A 199 28.43 16.83 12.03
C ARG A 199 28.17 18.09 12.85
N ALA A 200 28.95 19.12 12.62
CA ALA A 200 28.55 20.45 13.03
C ALA A 200 27.89 21.03 11.81
N LEU A 201 26.63 21.43 11.94
CA LEU A 201 25.99 22.19 10.88
C LEU A 201 26.66 23.54 10.81
N SER A 202 27.75 23.66 10.06
CA SER A 202 28.36 24.97 9.85
C SER A 202 27.42 25.84 9.04
N PRO A 203 27.55 27.17 9.18
CA PRO A 203 26.74 28.06 8.34
C PRO A 203 26.95 27.77 6.86
N GLU A 204 28.13 27.26 6.50
CA GLU A 204 28.41 26.95 5.10
C GLU A 204 27.73 25.64 4.66
N ASP A 205 27.61 24.68 5.59
CA ASP A 205 26.86 23.45 5.31
C ASP A 205 25.39 23.77 5.10
N ARG A 206 24.84 24.63 5.94
CA ARG A 206 23.44 25.01 5.83
C ARG A 206 23.21 25.79 4.52
N ALA A 207 24.15 26.66 4.16
CA ALA A 207 24.05 27.42 2.92
C ALA A 207 23.97 26.47 1.72
N ARG A 208 24.78 25.42 1.73
CA ARG A 208 24.78 24.38 0.70
C ARG A 208 23.41 23.75 0.56
N ILE A 209 22.84 23.37 1.70
CA ILE A 209 21.54 22.70 1.71
C ILE A 209 20.48 23.69 1.26
N ASP A 210 20.52 24.91 1.78
CA ASP A 210 19.57 25.93 1.38
C ASP A 210 19.52 26.08 -0.16
N GLU A 211 20.67 26.17 -0.80
CA GLU A 211 20.68 26.40 -2.24
C GLU A 211 20.15 25.16 -2.97
N GLY A 212 20.49 23.98 -2.42
CA GLY A 212 19.96 22.72 -2.91
C GLY A 212 18.44 22.66 -2.94
N VAL A 213 17.79 23.20 -1.91
CA VAL A 213 16.32 23.28 -1.90
C VAL A 213 15.83 24.29 -2.93
N ARG A 214 16.41 25.49 -2.89
CA ARG A 214 15.92 26.60 -3.70
C ARG A 214 16.05 26.33 -5.19
N ARG A 215 17.11 25.62 -5.57
CA ARG A 215 17.47 25.44 -6.96
C ARG A 215 16.95 24.14 -7.58
N ALA A 216 16.29 23.33 -6.77
CA ALA A 216 15.87 21.98 -7.19
C ALA A 216 15.07 21.93 -8.50
N ALA A 217 14.09 22.81 -8.65
CA ALA A 217 13.28 22.79 -9.86
C ALA A 217 14.06 23.27 -11.09
N TYR A 218 15.17 23.97 -10.86
CA TYR A 218 15.96 24.57 -11.95
C TYR A 218 16.53 23.57 -12.95
N ARG A 219 17.18 22.51 -12.46
CA ARG A 219 17.73 21.51 -13.37
C ARG A 219 16.64 20.76 -14.11
N ILE A 220 15.48 20.62 -13.47
CA ILE A 220 14.39 19.91 -14.13
C ILE A 220 13.86 20.76 -15.28
N ILE A 221 13.63 22.05 -15.02
CA ILE A 221 13.19 22.97 -16.06
C ILE A 221 14.22 23.02 -17.18
N GLU A 222 15.49 23.21 -16.82
CA GLU A 222 16.58 23.28 -17.78
C GLU A 222 16.65 22.04 -18.67
N GLY A 223 16.40 20.88 -18.08
CA GLY A 223 16.54 19.61 -18.79
C GLY A 223 15.37 19.17 -19.63
N LYS A 224 14.16 19.56 -19.24
CA LYS A 224 12.96 19.15 -19.98
C LYS A 224 11.84 20.18 -20.04
N GLY A 225 12.09 21.36 -19.48
CA GLY A 225 11.20 22.49 -19.66
C GLY A 225 10.13 22.71 -18.61
N ALA A 226 9.87 21.71 -17.78
CA ALA A 226 8.81 21.80 -16.77
C ALA A 226 8.89 20.62 -15.81
N THR A 227 8.38 20.80 -14.60
CA THR A 227 8.35 19.70 -13.63
C THR A 227 6.90 19.28 -13.46
N TYR A 228 6.66 18.00 -13.24
CA TYR A 228 5.29 17.54 -13.01
C TYR A 228 5.19 16.24 -12.20
N TYR A 229 6.17 15.37 -12.35
CA TYR A 229 6.15 14.08 -11.65
C TYR A 229 6.19 14.28 -10.14
N GLY A 230 7.09 15.15 -9.69
CA GLY A 230 7.23 15.42 -8.27
C GLY A 230 5.96 16.00 -7.69
N ILE A 231 5.51 17.11 -8.29
CA ILE A 231 4.33 17.80 -7.81
C ILE A 231 3.08 16.92 -7.94
N GLY A 232 2.99 16.14 -9.01
CA GLY A 232 1.86 15.23 -9.19
C GLY A 232 1.70 14.32 -7.97
N ALA A 233 2.81 13.77 -7.50
CA ALA A 233 2.79 12.84 -6.37
C ALA A 233 2.47 13.59 -5.08
N GLY A 234 3.01 14.80 -4.96
CA GLY A 234 2.75 15.63 -3.80
C GLY A 234 1.27 15.95 -3.66
N LEU A 235 0.66 16.36 -4.76
CA LEU A 235 -0.77 16.65 -4.78
C LEU A 235 -1.61 15.41 -4.48
N ALA A 236 -1.14 14.25 -4.94
CA ALA A 236 -1.87 13.00 -4.70
C ALA A 236 -1.86 12.69 -3.21
N ARG A 237 -0.73 12.99 -2.57
CA ARG A 237 -0.60 12.79 -1.11
C ARG A 237 -1.52 13.75 -0.33
N LEU A 238 -1.64 14.99 -0.79
CA LEU A 238 -2.54 15.96 -0.16
C LEU A 238 -4.00 15.56 -0.35
N VAL A 239 -4.32 15.03 -1.52
CA VAL A 239 -5.65 14.56 -1.82
C VAL A 239 -5.98 13.40 -0.89
N ARG A 240 -5.03 12.50 -0.72
CA ARG A 240 -5.20 11.37 0.18
C ARG A 240 -5.50 11.84 1.59
N ALA A 241 -4.77 12.85 2.05
CA ALA A 241 -4.95 13.33 3.41
C ALA A 241 -6.35 13.90 3.59
N ILE A 242 -6.84 14.61 2.57
CA ILE A 242 -8.17 15.19 2.63
C ILE A 242 -9.25 14.10 2.66
N LEU A 243 -9.20 13.22 1.67
CA LEU A 243 -10.18 12.16 1.51
C LEU A 243 -10.26 11.20 2.71
N THR A 244 -9.13 10.96 3.38
CA THR A 244 -9.11 10.03 4.51
C THR A 244 -9.23 10.70 5.88
N ASP A 245 -9.40 12.02 5.89
CA ASP A 245 -9.46 12.80 7.15
C ASP A 245 -8.24 12.50 8.01
N GLU A 246 -7.06 12.55 7.40
CA GLU A 246 -5.83 12.11 8.03
C GLU A 246 -5.43 12.91 9.27
N LYS A 247 -5.56 14.23 9.20
CA LYS A 247 -5.14 15.15 10.27
C LYS A 247 -3.63 15.05 10.46
N GLY A 248 -2.92 14.91 9.35
CA GLY A 248 -1.47 14.97 9.36
C GLY A 248 -1.01 16.37 8.98
N VAL A 249 0.21 16.70 9.36
CA VAL A 249 0.76 18.02 9.11
C VAL A 249 1.46 18.09 7.75
N TYR A 250 1.09 19.10 6.97
CA TYR A 250 1.78 19.40 5.71
C TYR A 250 2.03 20.91 5.58
N THR A 251 3.15 21.28 4.95
CA THR A 251 3.38 22.70 4.67
C THR A 251 2.70 23.09 3.35
N VAL A 252 1.47 23.57 3.46
CA VAL A 252 0.71 23.98 2.28
C VAL A 252 0.29 25.45 2.38
N SER A 253 -0.09 26.04 1.25
CA SER A 253 -0.46 27.46 1.23
C SER A 253 -1.94 27.66 1.55
N ALA A 254 -2.26 28.73 2.26
CA ALA A 254 -3.64 29.01 2.63
C ALA A 254 -3.73 30.44 3.14
N PHE A 255 -4.90 31.03 3.04
CA PHE A 255 -5.08 32.39 3.53
C PHE A 255 -4.81 32.43 5.03
N THR A 256 -3.91 33.34 5.42
CA THR A 256 -3.44 33.44 6.80
C THR A 256 -3.74 34.82 7.38
N PRO A 257 -4.55 34.87 8.45
CA PRO A 257 -4.93 36.14 9.07
C PRO A 257 -3.74 36.97 9.55
N GLU A 258 -2.81 36.35 10.26
CA GLU A 258 -1.58 37.04 10.69
C GLU A 258 -0.42 36.07 10.74
N VAL A 259 0.73 36.52 10.26
CA VAL A 259 1.95 35.72 10.33
C VAL A 259 3.17 36.63 10.40
N ALA A 260 4.02 36.39 11.40
CA ALA A 260 5.24 37.19 11.61
C ALA A 260 4.96 38.68 11.50
N GLY A 261 3.77 39.09 11.95
CA GLY A 261 3.42 40.50 11.96
C GLY A 261 2.81 41.05 10.69
N VAL A 262 2.68 40.21 9.66
CA VAL A 262 2.03 40.61 8.41
C VAL A 262 0.59 40.10 8.41
N LEU A 263 -0.34 40.89 7.87
CA LEU A 263 -1.75 40.55 7.97
C LEU A 263 -2.37 40.07 6.66
N GLU A 264 -3.24 39.07 6.74
CA GLU A 264 -4.04 38.62 5.60
C GLU A 264 -3.21 38.28 4.37
N VAL A 265 -2.50 37.17 4.43
CA VAL A 265 -1.64 36.75 3.32
C VAL A 265 -1.64 35.22 3.18
N SER A 266 -1.60 34.75 1.94
CA SER A 266 -1.54 33.32 1.66
C SER A 266 -0.08 32.89 1.50
N LEU A 267 0.32 31.92 2.31
CA LEU A 267 1.69 31.39 2.28
C LEU A 267 1.71 30.07 3.01
N SER A 268 2.86 29.38 2.96
CA SER A 268 2.98 28.06 3.59
C SER A 268 3.39 28.05 5.06
N LEU A 269 2.63 27.32 5.86
CA LEU A 269 2.97 27.01 7.25
C LEU A 269 2.56 25.55 7.46
N PRO A 270 3.12 24.89 8.50
CA PRO A 270 2.69 23.52 8.80
C PRO A 270 1.22 23.54 9.16
N ARG A 271 0.40 22.75 8.47
CA ARG A 271 -1.04 22.75 8.71
C ARG A 271 -1.58 21.33 8.85
N ILE A 272 -2.53 21.16 9.76
CA ILE A 272 -3.24 19.90 9.90
C ILE A 272 -4.26 19.79 8.77
N LEU A 273 -4.16 18.70 8.02
CA LEU A 273 -4.98 18.53 6.84
CA LEU A 273 -4.96 18.52 6.82
C LEU A 273 -5.94 17.35 6.99
N GLY A 274 -7.22 17.63 6.76
CA GLY A 274 -8.25 16.61 6.89
C GLY A 274 -9.41 16.86 5.95
N ALA A 275 -10.58 16.35 6.32
CA ALA A 275 -11.74 16.29 5.44
C ALA A 275 -12.25 17.63 4.91
N GLY A 276 -12.19 18.66 5.75
CA GLY A 276 -12.66 19.97 5.34
C GLY A 276 -11.55 20.86 4.85
N GLY A 277 -10.37 20.27 4.65
CA GLY A 277 -9.19 21.05 4.30
C GLY A 277 -8.34 21.27 5.53
N VAL A 278 -7.89 22.51 5.75
CA VAL A 278 -7.06 22.83 6.90
C VAL A 278 -7.89 22.75 8.20
N ALA A 279 -7.47 21.87 9.10
CA ALA A 279 -8.14 21.70 10.39
C ALA A 279 -7.52 22.62 11.44
N GLY A 280 -6.33 23.12 11.15
CA GLY A 280 -5.65 24.04 12.06
C GLY A 280 -4.26 24.37 11.56
N THR A 281 -3.79 25.57 11.87
CA THR A 281 -2.50 26.05 11.40
C THR A 281 -1.52 26.13 12.56
N VAL A 282 -0.31 25.61 12.33
CA VAL A 282 0.76 25.66 13.34
C VAL A 282 1.74 26.78 13.04
N TYR A 283 2.16 27.51 14.08
CA TYR A 283 3.15 28.57 13.93
C TYR A 283 4.45 28.17 14.63
N PRO A 284 5.38 27.56 13.87
CA PRO A 284 6.57 26.92 14.44
C PRO A 284 7.44 27.88 15.24
N SER A 285 8.23 27.32 16.15
CA SER A 285 9.18 28.09 16.93
C SER A 285 10.29 28.54 15.98
N LEU A 286 10.58 29.83 15.95
CA LEU A 286 11.61 30.33 15.06
C LEU A 286 12.63 31.14 15.83
N SER A 287 13.87 31.13 15.34
CA SER A 287 14.90 32.03 15.84
C SER A 287 14.61 33.45 15.34
N PRO A 288 15.25 34.47 15.94
CA PRO A 288 15.03 35.85 15.48
C PRO A 288 15.32 35.99 13.99
N GLU A 289 16.37 35.32 13.53
CA GLU A 289 16.77 35.39 12.13
C GLU A 289 15.73 34.74 11.20
N GLU A 290 15.15 33.63 11.64
CA GLU A 290 14.14 32.96 10.83
C GLU A 290 12.84 33.78 10.79
N ARG A 291 12.51 34.38 11.92
CA ARG A 291 11.29 35.18 12.00
C ARG A 291 11.40 36.37 11.04
N ALA A 292 12.55 37.04 11.07
CA ALA A 292 12.77 38.17 10.19
C ALA A 292 12.63 37.74 8.72
N ALA A 293 13.11 36.55 8.41
CA ALA A 293 13.04 36.04 7.04
C ALA A 293 11.59 35.70 6.63
N LEU A 294 10.83 35.12 7.56
CA LEU A 294 9.42 34.83 7.30
C LEU A 294 8.66 36.14 7.10
N ARG A 295 8.96 37.12 7.92
CA ARG A 295 8.32 38.43 7.80
C ARG A 295 8.56 38.98 6.40
N ARG A 296 9.79 38.93 5.92
CA ARG A 296 10.12 39.42 4.58
C ARG A 296 9.38 38.64 3.50
N SER A 297 9.29 37.32 3.66
CA SER A 297 8.59 36.50 2.67
C SER A 297 7.12 36.89 2.61
N ALA A 298 6.49 37.04 3.78
CA ALA A 298 5.08 37.42 3.83
C ALA A 298 4.85 38.80 3.20
N GLU A 299 5.76 39.73 3.47
CA GLU A 299 5.68 41.06 2.88
C GLU A 299 5.76 41.01 1.35
N ILE A 300 6.68 40.19 0.85
CA ILE A 300 6.82 40.01 -0.60
C ILE A 300 5.51 39.50 -1.20
N LEU A 301 4.91 38.52 -0.54
CA LEU A 301 3.67 37.92 -1.03
C LEU A 301 2.49 38.87 -0.96
N LYS A 302 2.28 39.47 0.20
CA LYS A 302 1.23 40.47 0.41
C LYS A 302 1.24 41.50 -0.72
N GLU A 303 2.42 42.04 -1.02
CA GLU A 303 2.56 43.07 -2.03
C GLU A 303 2.25 42.54 -3.43
N ALA A 304 2.69 41.32 -3.71
CA ALA A 304 2.42 40.70 -5.00
C ALA A 304 0.93 40.45 -5.21
N ALA A 305 0.22 40.10 -4.14
CA ALA A 305 -1.23 39.90 -4.19
C ALA A 305 -1.94 41.22 -4.42
N PHE A 306 -1.66 42.18 -3.55
CA PHE A 306 -2.27 43.50 -3.63
C PHE A 306 -2.16 44.08 -5.04
N ALA A 307 -1.00 43.89 -5.66
CA ALA A 307 -0.74 44.39 -7.00
C ALA A 307 -1.65 43.77 -8.04
N LEU A 308 -2.03 42.50 -7.82
CA LEU A 308 -2.89 41.80 -8.75
C LEU A 308 -4.33 42.30 -8.65
N GLY A 309 -4.66 42.82 -7.48
CA GLY A 309 -6.01 43.27 -7.20
C GLY A 309 -6.61 42.45 -6.09
N PHE A 310 -5.74 41.80 -5.30
CA PHE A 310 -6.18 40.94 -4.22
C PHE A 310 -5.42 41.26 -2.94
N MET B 1 17.25 -4.31 -5.20
CA MET B 1 17.34 -4.63 -6.63
C MET B 1 17.27 -3.41 -7.54
N LYS B 2 17.95 -3.51 -8.68
CA LYS B 2 18.13 -2.41 -9.61
C LYS B 2 17.49 -2.68 -10.97
N VAL B 3 16.81 -1.65 -11.50
CA VAL B 3 16.22 -1.71 -12.83
C VAL B 3 16.80 -0.57 -13.67
N GLY B 4 17.08 -0.84 -14.94
CA GLY B 4 17.52 0.19 -15.87
C GLY B 4 16.51 0.49 -16.94
N ILE B 5 16.48 1.74 -17.37
CA ILE B 5 15.60 2.17 -18.43
CA ILE B 5 15.60 2.14 -18.45
C ILE B 5 16.42 2.89 -19.50
N VAL B 6 16.46 2.35 -20.70
CA VAL B 6 17.20 2.96 -21.78
C VAL B 6 16.20 3.67 -22.69
N GLY B 7 16.35 4.99 -22.78
CA GLY B 7 15.37 5.80 -23.49
C GLY B 7 14.53 6.49 -22.44
N SER B 8 14.87 7.73 -22.14
CA SER B 8 14.24 8.45 -21.05
C SER B 8 13.30 9.50 -21.61
N GLY B 9 12.52 9.11 -22.60
CA GLY B 9 11.50 9.97 -23.17
C GLY B 9 10.24 9.85 -22.34
N MET B 10 9.08 9.96 -23.00
CA MET B 10 7.81 9.84 -22.29
C MET B 10 7.57 8.43 -21.72
N VAL B 11 7.80 7.39 -22.52
CA VAL B 11 7.57 6.03 -22.04
C VAL B 11 8.55 5.67 -20.92
N GLY B 12 9.83 5.90 -21.16
CA GLY B 12 10.84 5.57 -20.16
C GLY B 12 10.62 6.32 -18.86
N SER B 13 10.31 7.60 -18.95
CA SER B 13 10.13 8.36 -17.72
C SER B 13 8.84 7.93 -17.01
N ALA B 14 7.80 7.63 -17.77
CA ALA B 14 6.53 7.26 -17.13
C ALA B 14 6.70 5.91 -16.45
N THR B 15 7.50 5.05 -17.08
CA THR B 15 7.84 3.75 -16.50
C THR B 15 8.56 3.94 -15.17
N ALA B 16 9.60 4.79 -15.17
CA ALA B 16 10.28 5.14 -13.93
C ALA B 16 9.31 5.66 -12.86
N TYR B 17 8.36 6.49 -13.27
CA TYR B 17 7.37 7.08 -12.34
C TYR B 17 6.52 5.97 -11.73
N ALA B 18 5.98 5.12 -12.60
CA ALA B 18 5.18 3.97 -12.16
C ALA B 18 6.00 3.04 -11.25
N LEU B 19 7.24 2.73 -11.62
CA LEU B 19 8.09 1.94 -10.72
C LEU B 19 8.25 2.59 -9.36
N ALA B 20 8.46 3.90 -9.35
CA ALA B 20 8.60 4.63 -8.10
C ALA B 20 7.30 4.60 -7.30
N LEU B 21 6.19 4.89 -7.96
CA LEU B 21 4.89 4.91 -7.30
C LEU B 21 4.46 3.54 -6.75
N LEU B 22 4.78 2.47 -7.48
CA LEU B 22 4.41 1.13 -7.03
C LEU B 22 5.45 0.50 -6.11
N GLY B 23 6.56 1.19 -5.89
CA GLY B 23 7.62 0.68 -5.04
C GLY B 23 8.22 -0.64 -5.52
N VAL B 24 8.38 -0.76 -6.83
CA VAL B 24 8.80 -2.02 -7.43
C VAL B 24 10.26 -2.36 -7.15
N ALA B 25 11.13 -1.36 -7.25
CA ALA B 25 12.56 -1.59 -7.13
C ALA B 25 13.16 -0.53 -6.22
N ARG B 26 14.26 -0.87 -5.57
CA ARG B 26 14.93 0.07 -4.69
C ARG B 26 15.74 1.08 -5.50
N GLU B 27 16.10 0.68 -6.72
CA GLU B 27 16.97 1.50 -7.54
C GLU B 27 16.54 1.49 -9.00
N VAL B 28 16.41 2.68 -9.56
CA VAL B 28 16.04 2.82 -10.96
C VAL B 28 17.01 3.79 -11.64
N VAL B 29 17.71 3.30 -12.67
CA VAL B 29 18.63 4.15 -13.41
C VAL B 29 18.11 4.42 -14.84
N LEU B 30 18.14 5.69 -15.21
CA LEU B 30 17.65 6.15 -16.50
C LEU B 30 18.83 6.49 -17.40
N VAL B 31 18.83 5.91 -18.60
CA VAL B 31 19.92 6.14 -19.56
C VAL B 31 19.38 6.75 -20.85
N ASP B 32 19.93 7.89 -21.24
CA ASP B 32 19.52 8.51 -22.49
C ASP B 32 20.70 9.21 -23.15
N LEU B 33 20.68 9.31 -24.48
CA LEU B 33 21.68 10.08 -25.21
C LEU B 33 21.63 11.54 -24.76
N ASP B 34 20.41 12.02 -24.52
CA ASP B 34 20.19 13.36 -23.97
C ASP B 34 20.30 13.28 -22.44
N ARG B 35 21.52 13.39 -21.92
CA ARG B 35 21.74 13.23 -20.49
C ARG B 35 20.98 14.22 -19.62
N LYS B 36 20.81 15.44 -20.11
CA LYS B 36 20.07 16.47 -19.38
C LYS B 36 18.58 16.14 -19.27
N LEU B 37 18.05 15.49 -20.31
CA LEU B 37 16.67 15.03 -20.28
C LEU B 37 16.53 13.95 -19.20
N ALA B 38 17.36 12.93 -19.28
CA ALA B 38 17.32 11.86 -18.31
C ALA B 38 17.46 12.39 -16.90
N GLN B 39 18.38 13.33 -16.71
CA GLN B 39 18.62 13.93 -15.40
C GLN B 39 17.40 14.71 -14.89
N ALA B 40 16.77 15.47 -15.79
CA ALA B 40 15.58 16.23 -15.40
C ALA B 40 14.47 15.28 -14.95
N HIS B 41 14.26 14.22 -15.71
CA HIS B 41 13.25 13.23 -15.39
C HIS B 41 13.55 12.54 -14.08
N ALA B 42 14.80 12.12 -13.90
CA ALA B 42 15.19 11.39 -12.68
C ALA B 42 15.02 12.24 -11.43
N GLU B 43 15.43 13.51 -11.51
CA GLU B 43 15.25 14.41 -10.38
C GLU B 43 13.78 14.71 -10.11
N ASP B 44 13.00 14.88 -11.17
CA ASP B 44 11.58 15.14 -11.04
C ASP B 44 10.91 13.98 -10.29
N ILE B 45 11.27 12.75 -10.67
CA ILE B 45 10.70 11.56 -10.05
C ILE B 45 11.23 11.35 -8.64
N LEU B 46 12.53 11.58 -8.47
CA LEU B 46 13.13 11.51 -7.15
C LEU B 46 12.32 12.35 -6.14
N HIS B 47 11.83 13.51 -6.59
CA HIS B 47 11.08 14.40 -5.70
C HIS B 47 9.68 13.87 -5.38
N ALA B 48 9.22 12.89 -6.14
CA ALA B 48 7.93 12.28 -5.87
C ALA B 48 8.04 11.22 -4.78
N THR B 49 9.24 10.65 -4.63
CA THR B 49 9.40 9.45 -3.81
C THR B 49 9.03 9.63 -2.34
N PRO B 50 9.25 10.83 -1.79
CA PRO B 50 8.91 11.04 -0.38
C PRO B 50 7.43 10.82 -0.14
N PHE B 51 6.64 10.92 -1.20
CA PHE B 51 5.18 10.78 -1.08
C PHE B 51 4.70 9.42 -1.51
N ALA B 52 5.62 8.49 -1.68
CA ALA B 52 5.25 7.14 -2.12
C ALA B 52 6.14 6.09 -1.45
N HIS B 53 7.24 5.74 -2.09
CA HIS B 53 8.14 4.72 -1.54
C HIS B 53 9.59 5.14 -1.73
N PRO B 54 10.46 4.77 -0.78
CA PRO B 54 11.90 4.99 -0.94
C PRO B 54 12.44 4.30 -2.19
N VAL B 55 12.85 5.10 -3.17
CA VAL B 55 13.45 4.59 -4.38
C VAL B 55 14.52 5.55 -4.83
N TRP B 56 15.73 5.02 -5.06
CA TRP B 56 16.83 5.80 -5.62
C TRP B 56 16.71 5.86 -7.14
N VAL B 57 16.20 6.97 -7.65
CA VAL B 57 16.08 7.20 -9.09
C VAL B 57 17.18 8.15 -9.56
N TRP B 58 17.91 7.77 -10.59
CA TRP B 58 18.98 8.62 -11.09
C TRP B 58 19.26 8.40 -12.57
N ALA B 59 19.99 9.33 -13.17
CA ALA B 59 20.35 9.19 -14.58
C ALA B 59 21.82 8.87 -14.71
N GLY B 60 22.13 7.87 -15.52
CA GLY B 60 23.51 7.43 -15.71
C GLY B 60 23.84 7.05 -17.14
N SER B 61 25.07 6.57 -17.33
CA SER B 61 25.51 6.11 -18.64
C SER B 61 25.12 4.65 -18.81
N TYR B 62 25.47 4.06 -19.95
CA TYR B 62 25.22 2.63 -20.13
C TYR B 62 25.97 1.83 -19.07
N GLY B 63 27.18 2.25 -18.74
CA GLY B 63 27.99 1.57 -17.73
C GLY B 63 27.23 1.45 -16.42
N ASP B 64 26.42 2.46 -16.13
CA ASP B 64 25.67 2.52 -14.88
C ASP B 64 24.52 1.54 -14.81
N LEU B 65 24.30 0.78 -15.89
CA LEU B 65 23.30 -0.30 -15.87
C LEU B 65 23.78 -1.51 -15.07
N GLU B 66 25.05 -1.47 -14.68
CA GLU B 66 25.68 -2.62 -14.02
C GLU B 66 24.84 -3.14 -12.86
N GLY B 67 24.60 -4.44 -12.86
CA GLY B 67 23.85 -5.07 -11.79
C GLY B 67 22.34 -5.04 -11.98
N ALA B 68 21.87 -4.35 -13.02
CA ALA B 68 20.42 -4.31 -13.26
C ALA B 68 19.88 -5.72 -13.53
N ARG B 69 18.77 -6.06 -12.88
CA ARG B 69 18.13 -7.37 -13.07
C ARG B 69 17.30 -7.37 -14.33
N ALA B 70 16.78 -6.20 -14.67
CA ALA B 70 15.99 -6.02 -15.88
C ALA B 70 16.32 -4.67 -16.49
N VAL B 71 16.39 -4.61 -17.81
CA VAL B 71 16.58 -3.35 -18.51
C VAL B 71 15.45 -3.13 -19.50
N VAL B 72 14.73 -2.04 -19.33
CA VAL B 72 13.64 -1.66 -20.22
C VAL B 72 14.20 -0.89 -21.41
N LEU B 73 13.87 -1.34 -22.62
CA LEU B 73 14.30 -0.64 -23.82
C LEU B 73 13.16 0.20 -24.39
N ALA B 74 13.22 1.50 -24.17
CA ALA B 74 12.20 2.44 -24.62
C ALA B 74 12.85 3.58 -25.40
N ALA B 75 13.96 3.27 -26.06
CA ALA B 75 14.68 4.23 -26.88
C ALA B 75 14.21 4.09 -28.32
N GLY B 76 14.18 5.19 -29.05
CA GLY B 76 13.71 5.19 -30.43
C GLY B 76 12.53 6.12 -30.64
N VAL B 77 12.10 6.27 -31.89
CA VAL B 77 11.00 7.19 -32.20
C VAL B 77 9.64 6.55 -31.91
N ALA B 78 8.66 7.39 -31.59
CA ALA B 78 7.28 6.92 -31.47
C ALA B 78 6.47 7.32 -32.70
N GLN B 79 5.29 6.76 -32.86
CA GLN B 79 4.51 7.06 -34.04
C GLN B 79 3.87 8.46 -33.97
N ARG B 80 3.86 9.16 -35.10
CA ARG B 80 3.25 10.48 -35.19
C ARG B 80 1.76 10.26 -35.34
N PRO B 81 0.95 11.33 -35.20
CA PRO B 81 -0.48 11.07 -35.37
C PRO B 81 -0.76 10.45 -36.76
N GLY B 82 -1.55 9.39 -36.79
CA GLY B 82 -1.92 8.76 -38.04
C GLY B 82 -0.85 7.85 -38.64
N GLU B 83 0.22 7.59 -37.88
CA GLU B 83 1.31 6.71 -38.32
C GLU B 83 1.15 5.34 -37.69
N THR B 84 1.41 4.27 -38.45
CA THR B 84 1.37 2.94 -37.84
C THR B 84 2.66 2.56 -37.14
N ARG B 85 2.57 1.64 -36.18
CA ARG B 85 3.78 1.18 -35.46
C ARG B 85 4.78 0.49 -36.37
N LEU B 86 4.29 -0.19 -37.40
CA LEU B 86 5.18 -0.94 -38.31
C LEU B 86 6.03 0.03 -39.12
N GLN B 87 5.52 1.25 -39.30
CA GLN B 87 6.25 2.26 -40.07
C GLN B 87 7.51 2.74 -39.35
N LEU B 88 7.65 2.40 -38.07
CA LEU B 88 8.80 2.82 -37.29
C LEU B 88 9.96 1.85 -37.45
N LEU B 89 9.70 0.76 -38.16
CA LEU B 89 10.60 -0.39 -38.11
C LEU B 89 12.05 -0.10 -38.54
N ASP B 90 12.25 0.40 -39.76
CA ASP B 90 13.60 0.66 -40.26
C ASP B 90 14.41 1.55 -39.32
N ARG B 91 13.79 2.64 -38.87
CA ARG B 91 14.47 3.59 -37.99
C ARG B 91 14.83 2.94 -36.64
N ASN B 92 13.85 2.30 -36.00
CA ASN B 92 14.12 1.77 -34.68
C ASN B 92 15.02 0.55 -34.65
N ALA B 93 15.05 -0.20 -35.74
CA ALA B 93 15.99 -1.31 -35.87
C ALA B 93 17.44 -0.79 -35.83
N GLN B 94 17.63 0.39 -36.40
CA GLN B 94 18.94 1.04 -36.42
C GLN B 94 19.31 1.51 -35.02
N VAL B 95 18.31 2.01 -34.30
CA VAL B 95 18.50 2.40 -32.91
C VAL B 95 18.93 1.21 -32.07
N PHE B 96 18.24 0.08 -32.25
CA PHE B 96 18.56 -1.11 -31.46
C PHE B 96 19.93 -1.69 -31.78
N ALA B 97 20.46 -1.46 -32.99
CA ALA B 97 21.80 -1.97 -33.30
C ALA B 97 22.85 -1.24 -32.45
N GLN B 98 22.51 -0.03 -32.00
CA GLN B 98 23.40 0.72 -31.12
C GLN B 98 23.12 0.37 -29.66
N VAL B 99 21.84 0.39 -29.31
CA VAL B 99 21.41 0.16 -27.93
C VAL B 99 21.73 -1.22 -27.36
N VAL B 100 21.35 -2.28 -28.09
CA VAL B 100 21.38 -3.62 -27.52
C VAL B 100 22.78 -4.10 -27.08
N PRO B 101 23.79 -4.01 -27.97
CA PRO B 101 25.16 -4.38 -27.57
C PRO B 101 25.64 -3.59 -26.35
N ARG B 102 25.31 -2.30 -26.31
CA ARG B 102 25.75 -1.45 -25.20
C ARG B 102 25.12 -1.87 -23.88
N VAL B 103 23.88 -2.33 -23.93
CA VAL B 103 23.20 -2.77 -22.72
C VAL B 103 23.81 -4.06 -22.17
N LEU B 104 24.10 -5.00 -23.07
CA LEU B 104 24.57 -6.33 -22.67
C LEU B 104 26.02 -6.28 -22.22
N GLU B 105 26.71 -5.24 -22.64
CA GLU B 105 28.10 -5.01 -22.28
C GLU B 105 28.16 -4.62 -20.82
N ALA B 106 27.18 -3.85 -20.38
CA ALA B 106 27.14 -3.37 -18.99
C ALA B 106 26.41 -4.32 -18.07
N ALA B 107 25.38 -4.99 -18.60
CA ALA B 107 24.54 -5.85 -17.78
C ALA B 107 24.17 -7.13 -18.51
N PRO B 108 25.15 -8.05 -18.65
CA PRO B 108 25.01 -9.28 -19.46
C PRO B 108 23.92 -10.21 -18.94
N GLU B 109 23.57 -10.09 -17.67
CA GLU B 109 22.63 -11.03 -17.06
C GLU B 109 21.24 -10.44 -16.93
N ALA B 110 21.05 -9.23 -17.44
CA ALA B 110 19.73 -8.60 -17.38
C ALA B 110 18.73 -9.23 -18.35
N VAL B 111 17.51 -9.44 -17.88
CA VAL B 111 16.39 -9.71 -18.77
C VAL B 111 16.11 -8.41 -19.54
N LEU B 112 15.96 -8.51 -20.85
CA LEU B 112 15.61 -7.34 -21.67
C LEU B 112 14.09 -7.26 -21.82
N LEU B 113 13.53 -6.11 -21.48
CA LEU B 113 12.10 -5.86 -21.64
C LEU B 113 11.91 -4.77 -22.69
N VAL B 114 11.42 -5.16 -23.86
CA VAL B 114 11.34 -4.25 -25.00
C VAL B 114 9.99 -3.51 -25.03
N ALA B 115 10.03 -2.19 -25.09
CA ALA B 115 8.83 -1.36 -25.28
C ALA B 115 8.79 -0.72 -26.67
N THR B 116 9.97 -0.38 -27.20
CA THR B 116 10.07 0.32 -28.48
C THR B 116 9.22 -0.33 -29.58
N ASN B 117 8.48 0.49 -30.34
CA ASN B 117 7.64 -0.02 -31.44
C ASN B 117 8.36 -0.11 -32.79
N PRO B 118 7.90 -1.05 -33.65
CA PRO B 118 6.81 -2.00 -33.36
C PRO B 118 7.30 -3.11 -32.43
N VAL B 119 6.73 -3.21 -31.22
CA VAL B 119 7.32 -4.04 -30.16
C VAL B 119 7.70 -5.44 -30.60
N ASP B 120 6.82 -6.11 -31.34
CA ASP B 120 7.07 -7.49 -31.71
C ASP B 120 8.30 -7.60 -32.57
N VAL B 121 8.38 -6.79 -33.61
CA VAL B 121 9.56 -6.87 -34.46
C VAL B 121 10.80 -6.45 -33.68
N MET B 122 10.67 -5.42 -32.84
CA MET B 122 11.82 -4.95 -32.08
C MET B 122 12.29 -6.01 -31.08
N THR B 123 11.35 -6.78 -30.56
CA THR B 123 11.68 -7.90 -29.70
C THR B 123 12.47 -8.94 -30.52
N GLN B 124 12.02 -9.20 -31.73
CA GLN B 124 12.73 -10.09 -32.64
C GLN B 124 14.15 -9.54 -32.91
N VAL B 125 14.23 -8.24 -33.20
CA VAL B 125 15.52 -7.59 -33.46
C VAL B 125 16.46 -7.71 -32.26
N ALA B 126 15.96 -7.39 -31.07
CA ALA B 126 16.76 -7.49 -29.85
C ALA B 126 17.22 -8.92 -29.62
N TYR B 127 16.32 -9.87 -29.83
CA TYR B 127 16.70 -11.27 -29.68
C TYR B 127 17.86 -11.62 -30.61
N ALA B 128 17.72 -11.34 -31.90
CA ALA B 128 18.76 -11.66 -32.89
C ALA B 128 20.11 -10.99 -32.55
N LEU B 129 20.06 -9.73 -32.15
CA LEU B 129 21.27 -8.98 -31.83
C LEU B 129 21.93 -9.45 -30.53
N SER B 130 21.10 -9.90 -29.59
CA SER B 130 21.56 -10.16 -28.24
C SER B 130 22.49 -11.38 -28.11
N GLY B 131 22.16 -12.44 -28.85
CA GLY B 131 22.87 -13.71 -28.68
C GLY B 131 22.36 -14.46 -27.47
N LEU B 132 21.39 -13.87 -26.76
CA LEU B 132 20.84 -14.47 -25.56
C LEU B 132 19.85 -15.58 -25.91
N PRO B 133 19.55 -16.44 -24.92
CA PRO B 133 18.46 -17.42 -25.07
C PRO B 133 17.14 -16.68 -25.26
N PRO B 134 16.23 -17.21 -26.10
CA PRO B 134 14.97 -16.57 -26.50
C PRO B 134 14.14 -16.06 -25.32
N GLY B 135 14.16 -16.78 -24.19
CA GLY B 135 13.33 -16.39 -23.05
C GLY B 135 13.78 -15.13 -22.33
N ARG B 136 15.05 -14.76 -22.50
CA ARG B 136 15.62 -13.58 -21.84
C ARG B 136 15.28 -12.26 -22.53
N VAL B 137 14.59 -12.33 -23.67
CA VAL B 137 14.19 -11.11 -24.39
C VAL B 137 12.69 -11.07 -24.54
N VAL B 138 12.05 -10.17 -23.80
CA VAL B 138 10.59 -10.14 -23.71
C VAL B 138 10.07 -8.79 -24.16
N GLY B 139 9.04 -8.80 -24.99
CA GLY B 139 8.41 -7.56 -25.42
C GLY B 139 7.11 -7.35 -24.68
N SER B 140 6.77 -6.11 -24.38
CA SER B 140 5.54 -5.87 -23.64
C SER B 140 4.37 -6.48 -24.40
N GLY B 141 4.49 -6.55 -25.72
CA GLY B 141 3.49 -7.25 -26.51
C GLY B 141 2.11 -6.68 -26.34
N THR B 142 1.12 -7.55 -26.19
CA THR B 142 -0.28 -7.14 -26.09
C THR B 142 -0.71 -6.94 -24.63
N ILE B 143 0.25 -6.80 -23.73
CA ILE B 143 -0.06 -6.53 -22.33
C ILE B 143 -0.97 -5.29 -22.17
N LEU B 144 -0.70 -4.26 -22.97
CA LEU B 144 -1.48 -3.02 -22.93
C LEU B 144 -2.84 -3.20 -23.58
N ASP B 145 -2.86 -3.94 -24.69
CA ASP B 145 -4.10 -4.21 -25.41
C ASP B 145 -5.04 -5.04 -24.55
N THR B 146 -4.46 -6.02 -23.87
CA THR B 146 -5.21 -6.83 -22.93
C THR B 146 -5.79 -5.94 -21.83
N ALA B 147 -4.99 -5.03 -21.29
CA ALA B 147 -5.48 -4.13 -20.24
C ALA B 147 -6.61 -3.23 -20.76
N ARG B 148 -6.46 -2.74 -21.99
CA ARG B 148 -7.48 -1.89 -22.60
C ARG B 148 -8.79 -2.62 -22.78
N PHE B 149 -8.67 -3.87 -23.26
CA PHE B 149 -9.81 -4.76 -23.44
C PHE B 149 -10.52 -4.92 -22.08
N ARG B 150 -9.76 -5.22 -21.04
CA ARG B 150 -10.37 -5.42 -19.73
C ARG B 150 -11.01 -4.13 -19.20
N ALA B 151 -10.31 -3.02 -19.38
CA ALA B 151 -10.79 -1.72 -18.90
C ALA B 151 -12.10 -1.31 -19.57
N LEU B 152 -12.16 -1.48 -20.88
CA LEU B 152 -13.36 -1.12 -21.65
C LEU B 152 -14.53 -2.03 -21.26
N LEU B 153 -14.22 -3.30 -21.03
CA LEU B 153 -15.24 -4.24 -20.57
C LEU B 153 -15.70 -3.86 -19.16
N ALA B 154 -14.75 -3.45 -18.33
CA ALA B 154 -15.04 -3.01 -16.96
C ALA B 154 -16.02 -1.86 -16.95
N GLU B 155 -15.79 -0.88 -17.82
CA GLU B 155 -16.68 0.28 -17.95
C GLU B 155 -18.06 -0.09 -18.45
N TYR B 156 -18.11 -1.03 -19.39
CA TYR B 156 -19.38 -1.52 -19.91
C TYR B 156 -20.19 -2.27 -18.84
N LEU B 157 -19.52 -3.15 -18.10
CA LEU B 157 -20.18 -4.05 -17.16
C LEU B 157 -20.31 -3.50 -15.73
N ARG B 158 -19.54 -2.45 -15.43
CA ARG B 158 -19.42 -1.89 -14.07
C ARG B 158 -18.81 -2.91 -13.10
N VAL B 159 -17.72 -3.53 -13.52
CA VAL B 159 -17.00 -4.44 -12.66
CA VAL B 159 -17.00 -4.49 -12.72
C VAL B 159 -15.51 -4.11 -12.73
N ALA B 160 -14.81 -4.25 -11.61
CA ALA B 160 -13.39 -3.92 -11.57
C ALA B 160 -12.68 -4.75 -12.63
N PRO B 161 -11.69 -4.16 -13.32
CA PRO B 161 -11.06 -4.89 -14.42
C PRO B 161 -10.29 -6.13 -13.94
N GLN B 162 -9.89 -6.12 -12.67
CA GLN B 162 -9.23 -7.27 -12.03
C GLN B 162 -10.09 -8.52 -12.18
N SER B 163 -11.40 -8.33 -12.21
CA SER B 163 -12.34 -9.44 -12.28
C SER B 163 -12.87 -9.71 -13.68
N VAL B 164 -12.36 -8.95 -14.66
CA VAL B 164 -12.74 -9.21 -16.04
C VAL B 164 -11.62 -9.94 -16.73
N HIS B 165 -11.86 -11.20 -17.11
CA HIS B 165 -10.80 -11.97 -17.72
C HIS B 165 -10.95 -12.10 -19.22
N ALA B 166 -10.21 -11.24 -19.92
CA ALA B 166 -10.22 -11.21 -21.37
C ALA B 166 -8.82 -10.82 -21.79
N TYR B 167 -8.38 -11.32 -22.94
CA TYR B 167 -7.07 -10.92 -23.40
C TYR B 167 -6.98 -10.80 -24.93
N VAL B 168 -5.84 -10.31 -25.39
CA VAL B 168 -5.61 -10.01 -26.79
C VAL B 168 -4.30 -10.72 -27.13
N LEU B 169 -4.23 -11.37 -28.28
CA LEU B 169 -3.01 -12.08 -28.68
C LEU B 169 -2.51 -11.55 -30.03
N GLY B 170 -1.30 -11.95 -30.40
CA GLY B 170 -0.74 -11.66 -31.71
C GLY B 170 0.08 -10.37 -31.75
N GLU B 171 -0.07 -9.63 -32.85
CA GLU B 171 0.64 -8.35 -33.01
C GLU B 171 0.11 -7.32 -32.02
N HIS B 172 1.01 -6.57 -31.40
CA HIS B 172 0.62 -5.34 -30.70
C HIS B 172 0.38 -4.29 -31.78
N GLY B 173 -0.82 -4.29 -32.35
CA GLY B 173 -1.08 -3.46 -33.53
C GLY B 173 -2.39 -3.79 -34.23
N ASP B 174 -2.51 -3.38 -35.49
CA ASP B 174 -3.78 -3.47 -36.22
C ASP B 174 -4.29 -4.90 -36.43
N SER B 175 -3.40 -5.88 -36.42
CA SER B 175 -3.83 -7.26 -36.66
C SER B 175 -4.06 -8.03 -35.37
N GLU B 176 -4.04 -7.35 -34.23
CA GLU B 176 -4.16 -8.06 -32.96
C GLU B 176 -5.49 -8.81 -32.87
N VAL B 177 -5.53 -9.83 -32.01
CA VAL B 177 -6.69 -10.69 -31.91
C VAL B 177 -7.36 -10.61 -30.54
N LEU B 178 -8.58 -10.09 -30.48
CA LEU B 178 -9.32 -10.06 -29.23
C LEU B 178 -9.94 -11.44 -29.03
N VAL B 179 -9.63 -12.08 -27.91
CA VAL B 179 -10.09 -13.46 -27.73
C VAL B 179 -11.40 -13.45 -26.96
N TRP B 180 -12.48 -13.12 -27.65
CA TRP B 180 -13.81 -13.11 -27.07
C TRP B 180 -14.23 -14.51 -26.58
N SER B 181 -13.71 -15.55 -27.23
CA SER B 181 -14.25 -16.90 -27.05
C SER B 181 -14.07 -17.44 -25.63
N SER B 182 -12.99 -17.06 -24.97
CA SER B 182 -12.72 -17.56 -23.63
C SER B 182 -12.80 -16.51 -22.52
N ALA B 183 -13.25 -15.31 -22.86
CA ALA B 183 -13.43 -14.25 -21.86
C ALA B 183 -14.51 -14.68 -20.86
N GLN B 184 -14.31 -14.33 -19.59
CA GLN B 184 -15.07 -14.86 -18.46
C GLN B 184 -15.12 -13.81 -17.37
N VAL B 185 -16.21 -13.79 -16.60
CA VAL B 185 -16.24 -13.06 -15.33
C VAL B 185 -16.84 -14.03 -14.33
N GLY B 186 -16.14 -14.26 -13.23
CA GLY B 186 -16.64 -15.14 -12.18
C GLY B 186 -17.02 -16.53 -12.66
N GLY B 187 -16.29 -17.03 -13.65
CA GLY B 187 -16.47 -18.38 -14.16
C GLY B 187 -17.59 -18.52 -15.17
N VAL B 188 -18.19 -17.39 -15.55
CA VAL B 188 -19.27 -17.37 -16.53
C VAL B 188 -18.78 -16.76 -17.83
N PRO B 189 -19.08 -17.42 -18.97
CA PRO B 189 -18.61 -16.83 -20.23
C PRO B 189 -19.12 -15.38 -20.31
N LEU B 190 -18.30 -14.51 -20.88
CA LEU B 190 -18.54 -13.06 -20.83
C LEU B 190 -19.93 -12.66 -21.31
N LEU B 191 -20.31 -13.16 -22.48
CA LEU B 191 -21.60 -12.82 -23.08
C LEU B 191 -22.79 -13.24 -22.22
N GLU B 192 -22.69 -14.41 -21.59
CA GLU B 192 -23.74 -14.88 -20.67
C GLU B 192 -23.80 -14.03 -19.42
N PHE B 193 -22.63 -13.74 -18.85
CA PHE B 193 -22.56 -12.78 -17.75
C PHE B 193 -23.25 -11.47 -18.10
N ALA B 194 -22.84 -10.85 -19.21
CA ALA B 194 -23.37 -9.55 -19.60
C ALA B 194 -24.89 -9.60 -19.76
N GLU B 195 -25.39 -10.66 -20.39
CA GLU B 195 -26.84 -10.83 -20.54
C GLU B 195 -27.56 -10.90 -19.19
N ALA B 196 -26.99 -11.66 -18.26
CA ALA B 196 -27.63 -11.87 -16.95
C ALA B 196 -27.59 -10.61 -16.10
N ARG B 197 -26.62 -9.74 -16.37
CA ARG B 197 -26.50 -8.46 -15.69
C ARG B 197 -27.45 -7.42 -16.25
N GLY B 198 -28.23 -7.80 -17.25
CA GLY B 198 -29.15 -6.89 -17.89
C GLY B 198 -28.50 -5.94 -18.87
N ARG B 199 -27.32 -6.31 -19.36
CA ARG B 199 -26.64 -5.50 -20.37
C ARG B 199 -25.93 -6.35 -21.42
N ALA B 200 -26.73 -7.01 -22.26
CA ALA B 200 -26.23 -7.87 -23.32
C ALA B 200 -25.30 -7.11 -24.26
N LEU B 201 -24.16 -7.72 -24.56
CA LEU B 201 -23.23 -7.17 -25.54
C LEU B 201 -23.68 -7.56 -26.94
N SER B 202 -24.27 -6.62 -27.65
CA SER B 202 -24.72 -6.87 -29.01
C SER B 202 -23.51 -6.87 -29.95
N PRO B 203 -23.72 -7.33 -31.20
CA PRO B 203 -22.64 -7.27 -32.18
C PRO B 203 -22.12 -5.85 -32.33
N GLU B 204 -23.02 -4.88 -32.34
CA GLU B 204 -22.63 -3.47 -32.41
C GLU B 204 -21.78 -3.06 -31.21
N ASP B 205 -22.16 -3.54 -30.02
CA ASP B 205 -21.40 -3.25 -28.81
C ASP B 205 -20.00 -3.86 -28.87
N ARG B 206 -19.91 -5.08 -29.36
CA ARG B 206 -18.63 -5.78 -29.45
C ARG B 206 -17.73 -5.07 -30.45
N ALA B 207 -18.33 -4.57 -31.54
CA ALA B 207 -17.57 -3.86 -32.57
C ALA B 207 -17.01 -2.54 -32.03
N ARG B 208 -17.79 -1.88 -31.18
CA ARG B 208 -17.33 -0.63 -30.56
C ARG B 208 -16.19 -0.91 -29.57
N ILE B 209 -16.31 -1.96 -28.79
CA ILE B 209 -15.23 -2.35 -27.88
C ILE B 209 -13.97 -2.70 -28.66
N ASP B 210 -14.13 -3.35 -29.81
CA ASP B 210 -12.99 -3.69 -30.66
C ASP B 210 -12.26 -2.45 -31.14
N GLU B 211 -13.03 -1.51 -31.66
CA GLU B 211 -12.46 -0.24 -32.11
C GLU B 211 -11.80 0.45 -30.92
N GLY B 212 -12.47 0.39 -29.77
CA GLY B 212 -11.94 0.97 -28.54
C GLY B 212 -10.57 0.45 -28.18
N VAL B 213 -10.37 -0.85 -28.30
CA VAL B 213 -9.08 -1.45 -27.99
C VAL B 213 -8.11 -1.22 -29.16
N ARG B 214 -8.53 -1.65 -30.33
CA ARG B 214 -7.64 -1.68 -31.48
C ARG B 214 -7.07 -0.29 -31.84
N ARG B 215 -7.89 0.75 -31.72
CA ARG B 215 -7.46 2.08 -32.18
C ARG B 215 -7.16 3.04 -31.04
N ALA B 216 -7.03 2.50 -29.82
CA ALA B 216 -6.76 3.32 -28.65
C ALA B 216 -5.52 4.20 -28.76
N ALA B 217 -4.42 3.65 -29.27
CA ALA B 217 -3.20 4.45 -29.38
C ALA B 217 -3.31 5.60 -30.40
N TYR B 218 -3.99 5.36 -31.52
CA TYR B 218 -4.18 6.41 -32.53
C TYR B 218 -4.97 7.59 -31.95
N ARG B 219 -5.99 7.30 -31.13
CA ARG B 219 -6.80 8.38 -30.54
C ARG B 219 -5.99 9.17 -29.52
N ILE B 220 -5.30 8.45 -28.66
CA ILE B 220 -4.53 9.08 -27.59
C ILE B 220 -3.43 9.94 -28.23
N ILE B 221 -2.75 9.38 -29.23
CA ILE B 221 -1.74 10.18 -29.93
C ILE B 221 -2.32 11.43 -30.62
N GLU B 222 -3.50 11.33 -31.22
CA GLU B 222 -4.15 12.52 -31.80
C GLU B 222 -4.46 13.55 -30.72
N GLY B 223 -4.89 13.09 -29.55
CA GLY B 223 -5.31 13.97 -28.48
C GLY B 223 -4.23 14.60 -27.61
N LYS B 224 -3.10 13.92 -27.42
CA LYS B 224 -2.05 14.49 -26.57
C LYS B 224 -0.63 14.25 -27.06
N GLY B 225 -0.49 13.59 -28.21
CA GLY B 225 0.80 13.52 -28.86
C GLY B 225 1.52 12.19 -28.71
N ALA B 226 1.27 11.48 -27.63
CA ALA B 226 1.98 10.21 -27.38
C ALA B 226 1.22 9.43 -26.33
N THR B 227 1.37 8.11 -26.31
CA THR B 227 0.87 7.33 -25.19
C THR B 227 2.05 7.03 -24.24
N TYR B 228 1.79 7.04 -22.94
CA TYR B 228 2.86 6.68 -22.02
C TYR B 228 2.40 6.22 -20.63
N TYR B 229 1.26 6.73 -20.15
CA TYR B 229 0.76 6.33 -18.83
C TYR B 229 0.38 4.83 -18.79
N GLY B 230 -0.39 4.38 -19.78
CA GLY B 230 -0.78 2.98 -19.86
C GLY B 230 0.41 2.03 -19.88
N ILE B 231 1.29 2.19 -20.86
CA ILE B 231 2.46 1.32 -21.01
C ILE B 231 3.45 1.45 -19.83
N GLY B 232 3.54 2.63 -19.24
CA GLY B 232 4.41 2.84 -18.09
C GLY B 232 4.09 1.90 -16.94
N ALA B 233 2.80 1.79 -16.63
CA ALA B 233 2.34 0.94 -15.54
C ALA B 233 2.45 -0.54 -15.92
N GLY B 234 2.13 -0.87 -17.15
CA GLY B 234 2.27 -2.24 -17.63
C GLY B 234 3.72 -2.69 -17.60
N LEU B 235 4.63 -1.81 -17.98
CA LEU B 235 6.05 -2.15 -17.91
C LEU B 235 6.50 -2.29 -16.47
N ALA B 236 6.00 -1.43 -15.58
CA ALA B 236 6.39 -1.56 -14.16
C ALA B 236 5.95 -2.91 -13.60
N ARG B 237 4.77 -3.36 -14.02
CA ARG B 237 4.22 -4.65 -13.61
C ARG B 237 5.07 -5.81 -14.10
N LEU B 238 5.47 -5.76 -15.37
CA LEU B 238 6.32 -6.79 -15.96
C LEU B 238 7.69 -6.80 -15.29
N VAL B 239 8.21 -5.63 -14.98
CA VAL B 239 9.48 -5.53 -14.24
C VAL B 239 9.36 -6.13 -12.84
N ARG B 240 8.26 -5.84 -12.16
CA ARG B 240 7.98 -6.44 -10.86
C ARG B 240 7.99 -7.98 -10.97
N ALA B 241 7.30 -8.50 -11.97
CA ALA B 241 7.27 -9.97 -12.16
C ALA B 241 8.68 -10.56 -12.33
N ILE B 242 9.53 -9.91 -13.11
CA ILE B 242 10.91 -10.36 -13.29
C ILE B 242 11.71 -10.30 -11.98
N LEU B 243 11.69 -9.14 -11.33
CA LEU B 243 12.48 -8.93 -10.12
C LEU B 243 12.07 -9.86 -9.00
N THR B 244 10.79 -10.22 -8.97
CA THR B 244 10.25 -10.99 -7.86
C THR B 244 10.11 -12.48 -8.20
N ASP B 245 10.60 -12.85 -9.36
CA ASP B 245 10.37 -14.20 -9.89
C ASP B 245 8.93 -14.62 -9.71
N GLU B 246 8.02 -13.77 -10.16
CA GLU B 246 6.60 -13.93 -9.90
C GLU B 246 5.93 -15.15 -10.56
N LYS B 247 6.39 -15.50 -11.76
CA LYS B 247 5.76 -16.56 -12.55
C LYS B 247 4.29 -16.25 -12.81
N GLY B 248 4.02 -14.96 -13.02
CA GLY B 248 2.71 -14.51 -13.40
C GLY B 248 2.51 -14.74 -14.89
N VAL B 249 1.26 -14.91 -15.31
CA VAL B 249 0.96 -15.22 -16.70
C VAL B 249 0.48 -13.95 -17.41
N TYR B 250 1.21 -13.52 -18.43
CA TYR B 250 0.92 -12.28 -19.14
C TYR B 250 1.00 -12.53 -20.63
N THR B 251 0.24 -11.75 -21.40
CA THR B 251 0.31 -11.79 -22.84
C THR B 251 1.45 -10.88 -23.30
N VAL B 252 2.63 -11.48 -23.41
CA VAL B 252 3.83 -10.73 -23.79
C VAL B 252 4.44 -11.33 -25.05
N SER B 253 5.32 -10.59 -25.69
CA SER B 253 5.92 -11.00 -26.96
C SER B 253 7.27 -11.67 -26.74
N ALA B 254 7.53 -12.73 -27.50
CA ALA B 254 8.81 -13.41 -27.44
C ALA B 254 8.94 -14.25 -28.70
N PHE B 255 10.17 -14.62 -29.02
CA PHE B 255 10.42 -15.46 -30.18
C PHE B 255 9.61 -16.73 -30.04
N THR B 256 8.89 -17.07 -31.11
CA THR B 256 8.00 -18.23 -31.07
C THR B 256 8.36 -19.16 -32.24
N PRO B 257 8.79 -20.39 -31.93
CA PRO B 257 9.17 -21.32 -33.00
C PRO B 257 8.02 -21.61 -33.96
N GLU B 258 6.81 -21.84 -33.45
CA GLU B 258 5.67 -22.09 -34.31
C GLU B 258 4.37 -21.60 -33.67
N VAL B 259 3.53 -20.93 -34.44
CA VAL B 259 2.22 -20.55 -33.95
C VAL B 259 1.24 -20.45 -35.10
N ALA B 260 0.10 -21.12 -34.96
CA ALA B 260 -0.92 -21.11 -36.00
C ALA B 260 -0.35 -21.52 -37.36
N GLY B 261 0.74 -22.28 -37.35
CA GLY B 261 1.33 -22.78 -38.58
C GLY B 261 2.49 -21.95 -39.10
N VAL B 262 2.72 -20.80 -38.47
CA VAL B 262 3.78 -19.88 -38.90
C VAL B 262 5.00 -20.11 -38.02
N LEU B 263 6.18 -20.08 -38.63
CA LEU B 263 7.42 -20.42 -37.91
C LEU B 263 8.31 -19.22 -37.62
N GLU B 264 8.96 -19.24 -36.46
CA GLU B 264 10.00 -18.27 -36.14
C GLU B 264 9.51 -16.82 -36.24
N VAL B 265 8.50 -16.48 -35.44
CA VAL B 265 7.99 -15.12 -35.42
C VAL B 265 7.83 -14.70 -33.97
N SER B 266 8.09 -13.42 -33.67
CA SER B 266 7.85 -12.90 -32.34
C SER B 266 6.50 -12.24 -32.29
N LEU B 267 5.70 -12.64 -31.31
CA LEU B 267 4.38 -12.07 -31.11
C LEU B 267 3.87 -12.48 -29.72
N SER B 268 2.69 -12.01 -29.36
CA SER B 268 2.17 -12.25 -28.02
C SER B 268 1.30 -13.51 -27.85
N LEU B 269 1.64 -14.29 -26.82
CA LEU B 269 0.84 -15.39 -26.33
C LEU B 269 0.90 -15.34 -24.79
N PRO B 270 0.00 -16.09 -24.11
CA PRO B 270 0.08 -16.12 -22.65
C PRO B 270 1.39 -16.78 -22.23
N ARG B 271 2.21 -16.10 -21.42
CA ARG B 271 3.47 -16.67 -21.00
C ARG B 271 3.73 -16.47 -19.52
N ILE B 272 4.52 -17.39 -18.94
CA ILE B 272 4.91 -17.32 -17.53
C ILE B 272 6.15 -16.46 -17.44
N LEU B 273 6.09 -15.42 -16.62
CA LEU B 273 7.18 -14.45 -16.53
C LEU B 273 7.80 -14.45 -15.15
N GLY B 274 9.11 -14.66 -15.09
CA GLY B 274 9.85 -14.67 -13.83
C GLY B 274 11.29 -14.20 -13.99
N ALA B 275 12.14 -14.58 -13.03
CA ALA B 275 13.54 -14.19 -13.10
C ALA B 275 14.07 -14.87 -14.36
N GLY B 276 14.93 -14.22 -15.11
CA GLY B 276 15.38 -14.86 -16.33
C GLY B 276 14.35 -14.88 -17.45
N GLY B 277 13.23 -14.19 -17.26
CA GLY B 277 12.31 -13.88 -18.34
C GLY B 277 11.20 -14.89 -18.51
N VAL B 278 10.92 -15.25 -19.76
CA VAL B 278 9.85 -16.20 -20.09
C VAL B 278 10.16 -17.62 -19.61
N ALA B 279 9.34 -18.12 -18.70
CA ALA B 279 9.53 -19.47 -18.16
C ALA B 279 8.77 -20.54 -18.96
N GLY B 280 7.86 -20.12 -19.83
CA GLY B 280 7.02 -21.05 -20.56
C GLY B 280 5.94 -20.33 -21.34
N THR B 281 5.47 -20.97 -22.40
CA THR B 281 4.49 -20.37 -23.31
C THR B 281 3.31 -21.29 -23.46
N VAL B 282 2.12 -20.71 -23.41
CA VAL B 282 0.90 -21.47 -23.59
C VAL B 282 0.28 -21.14 -24.94
N TYR B 283 -0.19 -22.17 -25.64
CA TYR B 283 -0.85 -22.01 -26.93
C TYR B 283 -2.32 -22.40 -26.78
N PRO B 284 -3.15 -21.44 -26.36
CA PRO B 284 -4.56 -21.72 -26.07
C PRO B 284 -5.36 -22.09 -27.30
N SER B 285 -6.37 -22.91 -27.09
CA SER B 285 -7.31 -23.22 -28.17
C SER B 285 -8.17 -22.00 -28.41
N LEU B 286 -8.36 -21.67 -29.68
CA LEU B 286 -9.05 -20.47 -30.06
C LEU B 286 -10.22 -20.87 -30.94
N SER B 287 -11.24 -20.02 -31.06
CA SER B 287 -12.28 -20.26 -32.04
C SER B 287 -11.60 -20.37 -33.40
N PRO B 288 -12.27 -21.00 -34.38
CA PRO B 288 -11.70 -21.06 -35.73
C PRO B 288 -11.39 -19.65 -36.27
N GLU B 289 -12.27 -18.70 -36.02
CA GLU B 289 -12.07 -17.35 -36.49
C GLU B 289 -10.88 -16.67 -35.81
N GLU B 290 -10.72 -16.90 -34.51
CA GLU B 290 -9.58 -16.36 -33.77
C GLU B 290 -8.24 -16.94 -34.25
N ARG B 291 -8.23 -18.24 -34.54
CA ARG B 291 -6.99 -18.89 -34.98
C ARG B 291 -6.58 -18.40 -36.36
N ALA B 292 -7.56 -18.28 -37.27
CA ALA B 292 -7.28 -17.72 -38.58
C ALA B 292 -6.71 -16.29 -38.46
N ALA B 293 -7.29 -15.52 -37.53
CA ALA B 293 -6.83 -14.15 -37.33
C ALA B 293 -5.44 -14.14 -36.70
N LEU B 294 -5.19 -15.05 -35.76
CA LEU B 294 -3.85 -15.12 -35.17
C LEU B 294 -2.85 -15.49 -36.25
N ARG B 295 -3.19 -16.46 -37.08
CA ARG B 295 -2.34 -16.83 -38.22
C ARG B 295 -2.04 -15.60 -39.08
N ARG B 296 -3.07 -14.86 -39.43
CA ARG B 296 -2.87 -13.66 -40.25
C ARG B 296 -1.88 -12.71 -39.58
N SER B 297 -2.08 -12.47 -38.29
CA SER B 297 -1.20 -11.61 -37.53
C SER B 297 0.25 -12.05 -37.63
N ALA B 298 0.48 -13.34 -37.44
CA ALA B 298 1.84 -13.90 -37.49
C ALA B 298 2.45 -13.71 -38.86
N GLU B 299 1.67 -14.01 -39.90
CA GLU B 299 2.15 -13.85 -41.27
C GLU B 299 2.55 -12.40 -41.53
N ILE B 300 1.76 -11.46 -41.03
CA ILE B 300 2.01 -10.04 -41.22
CA ILE B 300 2.02 -10.05 -41.27
C ILE B 300 3.34 -9.62 -40.63
N LEU B 301 3.57 -10.01 -39.38
CA LEU B 301 4.79 -9.66 -38.69
C LEU B 301 6.01 -10.29 -39.35
N LYS B 302 5.88 -11.56 -39.74
CA LYS B 302 6.99 -12.29 -40.32
C LYS B 302 7.45 -11.66 -41.63
N GLU B 303 6.49 -11.24 -42.43
CA GLU B 303 6.72 -10.63 -43.73
C GLU B 303 7.30 -9.22 -43.62
N ALA B 304 6.79 -8.46 -42.65
CA ALA B 304 7.31 -7.13 -42.38
C ALA B 304 8.76 -7.19 -41.91
N ALA B 305 9.08 -8.20 -41.12
CA ALA B 305 10.44 -8.42 -40.62
C ALA B 305 11.38 -8.92 -41.71
N PHE B 306 10.84 -9.63 -42.68
CA PHE B 306 11.68 -10.26 -43.70
C PHE B 306 12.63 -9.27 -44.34
N ALA B 307 12.26 -7.99 -44.31
CA ALA B 307 13.14 -6.97 -44.87
C ALA B 307 14.38 -6.67 -44.03
N LEU B 308 15.21 -7.69 -43.80
CA LEU B 308 16.61 -7.48 -43.43
C LEU B 308 17.46 -8.74 -43.29
N GLY B 309 17.10 -9.64 -42.38
CA GLY B 309 15.97 -9.47 -41.49
C GLY B 309 15.86 -10.68 -40.59
N MET C 1 -13.81 7.35 6.84
CA MET C 1 -14.81 6.30 6.95
C MET C 1 -14.63 5.46 8.22
N LYS C 2 -15.72 4.83 8.63
CA LYS C 2 -15.74 4.11 9.89
C LYS C 2 -16.12 2.64 9.71
N VAL C 3 -15.41 1.75 10.40
CA VAL C 3 -15.77 0.34 10.41
C VAL C 3 -15.98 -0.11 11.86
N GLY C 4 -17.04 -0.90 12.08
CA GLY C 4 -17.32 -1.47 13.37
C GLY C 4 -17.07 -2.96 13.39
N ILE C 5 -16.68 -3.46 14.56
CA ILE C 5 -16.50 -4.89 14.76
C ILE C 5 -17.21 -5.29 16.05
N VAL C 6 -18.26 -6.08 15.93
CA VAL C 6 -18.97 -6.54 17.12
C VAL C 6 -18.47 -7.91 17.51
N GLY C 7 -17.86 -7.99 18.68
CA GLY C 7 -17.22 -9.21 19.12
C GLY C 7 -15.72 -9.03 19.05
N SER C 8 -15.09 -8.94 20.22
CA SER C 8 -13.68 -8.59 20.27
C SER C 8 -12.87 -9.79 20.76
N GLY C 9 -13.18 -10.96 20.19
CA GLY C 9 -12.43 -12.18 20.43
C GLY C 9 -11.24 -12.22 19.50
N MET C 10 -10.64 -13.40 19.27
CA MET C 10 -9.45 -13.44 18.41
C MET C 10 -9.79 -13.05 16.95
N VAL C 11 -10.93 -13.51 16.45
CA VAL C 11 -11.31 -13.18 15.09
C VAL C 11 -11.58 -11.68 14.96
N GLY C 12 -12.38 -11.14 15.87
CA GLY C 12 -12.67 -9.70 15.82
C GLY C 12 -11.44 -8.82 15.90
N SER C 13 -10.55 -9.12 16.84
CA SER C 13 -9.37 -8.29 17.08
C SER C 13 -8.32 -8.41 15.97
N ALA C 14 -8.19 -9.61 15.42
CA ALA C 14 -7.28 -9.80 14.27
C ALA C 14 -7.78 -9.00 13.06
N THR C 15 -9.09 -8.98 12.87
CA THR C 15 -9.71 -8.19 11.79
C THR C 15 -9.41 -6.71 11.98
N ALA C 16 -9.58 -6.23 13.22
CA ALA C 16 -9.35 -4.84 13.55
C ALA C 16 -7.86 -4.48 13.30
N TYR C 17 -6.98 -5.38 13.70
CA TYR C 17 -5.54 -5.20 13.53
C TYR C 17 -5.13 -5.15 12.07
N ALA C 18 -5.69 -6.05 11.27
CA ALA C 18 -5.40 -6.02 9.85
C ALA C 18 -5.93 -4.73 9.25
N LEU C 19 -7.16 -4.37 9.57
CA LEU C 19 -7.72 -3.10 9.10
C LEU C 19 -6.79 -1.93 9.43
N ALA C 20 -6.28 -1.93 10.66
CA ALA C 20 -5.43 -0.85 11.14
C ALA C 20 -4.07 -0.82 10.44
N LEU C 21 -3.35 -1.95 10.41
CA LEU C 21 -2.04 -1.95 9.77
C LEU C 21 -2.13 -1.68 8.26
N LEU C 22 -3.23 -2.10 7.64
CA LEU C 22 -3.37 -1.86 6.20
C LEU C 22 -3.99 -0.49 5.89
N GLY C 23 -4.39 0.23 6.93
CA GLY C 23 -4.99 1.55 6.76
C GLY C 23 -6.25 1.55 5.91
N VAL C 24 -7.11 0.55 6.10
CA VAL C 24 -8.35 0.45 5.33
C VAL C 24 -9.35 1.54 5.70
N ALA C 25 -9.40 1.89 6.98
CA ALA C 25 -10.39 2.86 7.45
C ALA C 25 -9.77 3.83 8.46
N ARG C 26 -10.34 5.02 8.56
CA ARG C 26 -9.84 6.06 9.48
C ARG C 26 -10.28 5.78 10.93
N GLU C 27 -11.38 5.07 11.09
CA GLU C 27 -11.96 4.79 12.41
C GLU C 27 -12.34 3.32 12.52
N VAL C 28 -11.87 2.66 13.58
CA VAL C 28 -12.25 1.29 13.85
C VAL C 28 -12.79 1.16 15.27
N VAL C 29 -14.05 0.76 15.41
CA VAL C 29 -14.70 0.68 16.72
C VAL C 29 -14.95 -0.78 17.11
N LEU C 30 -14.45 -1.20 18.27
CA LEU C 30 -14.69 -2.56 18.76
C LEU C 30 -15.81 -2.53 19.80
N VAL C 31 -16.79 -3.41 19.65
CA VAL C 31 -17.92 -3.50 20.59
C VAL C 31 -18.03 -4.90 21.17
N ASP C 32 -17.91 -5.03 22.48
CA ASP C 32 -18.09 -6.33 23.12
C ASP C 32 -18.73 -6.19 24.50
N LEU C 33 -19.63 -7.10 24.83
CA LEU C 33 -20.25 -7.10 26.16
C LEU C 33 -19.16 -7.06 27.25
N ASP C 34 -18.11 -7.83 27.04
CA ASP C 34 -16.94 -7.79 27.92
C ASP C 34 -16.17 -6.51 27.63
N ARG C 35 -16.60 -5.41 28.25
CA ARG C 35 -16.04 -4.09 27.97
C ARG C 35 -14.53 -4.02 28.13
N LYS C 36 -14.00 -4.67 29.16
CA LYS C 36 -12.56 -4.65 29.42
C LYS C 36 -11.79 -5.39 28.33
N LEU C 37 -12.40 -6.41 27.77
CA LEU C 37 -11.78 -7.17 26.68
C LEU C 37 -11.66 -6.30 25.45
N ALA C 38 -12.77 -5.68 25.06
CA ALA C 38 -12.75 -4.79 23.91
C ALA C 38 -11.78 -3.64 24.11
N GLN C 39 -11.79 -3.04 25.31
CA GLN C 39 -10.90 -1.92 25.59
C GLN C 39 -9.43 -2.30 25.45
N ALA C 40 -9.10 -3.50 25.92
CA ALA C 40 -7.73 -3.98 25.90
C ALA C 40 -7.22 -4.22 24.47
N HIS C 41 -8.05 -4.87 23.65
CA HIS C 41 -7.71 -5.03 22.25
C HIS C 41 -7.63 -3.68 21.55
N ALA C 42 -8.57 -2.79 21.84
CA ALA C 42 -8.60 -1.47 21.18
C ALA C 42 -7.33 -0.67 21.50
N GLU C 43 -6.93 -0.66 22.76
CA GLU C 43 -5.68 0.01 23.14
C GLU C 43 -4.44 -0.62 22.48
N ASP C 44 -4.37 -1.94 22.58
CA ASP C 44 -3.25 -2.72 22.04
C ASP C 44 -3.04 -2.42 20.55
N ILE C 45 -4.13 -2.43 19.78
CA ILE C 45 -4.07 -2.10 18.36
C ILE C 45 -3.82 -0.61 18.06
N LEU C 46 -4.42 0.27 18.85
CA LEU C 46 -4.12 1.70 18.73
C LEU C 46 -2.62 1.97 18.82
N HIS C 47 -1.96 1.27 19.72
CA HIS C 47 -0.54 1.48 19.95
C HIS C 47 0.30 1.00 18.77
N ALA C 48 -0.29 0.17 17.91
CA ALA C 48 0.38 -0.26 16.69
C ALA C 48 0.36 0.86 15.63
N THR C 49 -0.62 1.75 15.71
CA THR C 49 -0.89 2.69 14.63
C THR C 49 0.26 3.65 14.25
N PRO C 50 1.05 4.11 15.24
CA PRO C 50 2.15 5.01 14.86
C PRO C 50 3.21 4.33 14.02
N PHE C 51 3.20 3.00 13.98
CA PHE C 51 4.10 2.23 13.13
C PHE C 51 3.59 2.03 11.70
N ALA C 52 2.35 2.43 11.42
CA ALA C 52 1.77 2.20 10.11
C ALA C 52 0.93 3.40 9.64
N HIS C 53 -0.37 3.37 9.94
CA HIS C 53 -1.30 4.37 9.41
C HIS C 53 -2.14 4.99 10.51
N PRO C 54 -2.52 6.27 10.35
CA PRO C 54 -3.38 6.86 11.39
C PRO C 54 -4.76 6.22 11.37
N VAL C 55 -5.16 5.64 12.49
CA VAL C 55 -6.49 5.07 12.63
C VAL C 55 -6.96 5.31 14.04
N TRP C 56 -8.17 5.85 14.19
CA TRP C 56 -8.72 6.03 15.52
C TRP C 56 -9.37 4.70 15.89
N VAL C 57 -8.70 3.94 16.75
CA VAL C 57 -9.22 2.67 17.23
C VAL C 57 -9.70 2.88 18.64
N TRP C 58 -10.92 2.46 18.95
CA TRP C 58 -11.37 2.48 20.34
C TRP C 58 -12.46 1.46 20.57
N ALA C 59 -12.79 1.24 21.83
CA ALA C 59 -13.86 0.34 22.20
C ALA C 59 -15.04 1.20 22.60
N GLY C 60 -16.24 0.82 22.17
CA GLY C 60 -17.43 1.59 22.49
C GLY C 60 -18.67 0.74 22.58
N SER C 61 -19.82 1.39 22.64
CA SER C 61 -21.09 0.67 22.62
C SER C 61 -21.65 0.73 21.21
N TYR C 62 -22.82 0.15 20.99
CA TYR C 62 -23.42 0.16 19.67
C TYR C 62 -23.59 1.57 19.17
N GLY C 63 -23.94 2.48 20.08
CA GLY C 63 -24.11 3.89 19.72
C GLY C 63 -22.91 4.44 19.00
N ASP C 64 -21.73 3.95 19.36
CA ASP C 64 -20.49 4.43 18.76
C ASP C 64 -20.33 3.99 17.31
N LEU C 65 -21.25 3.15 16.84
CA LEU C 65 -21.18 2.61 15.49
C LEU C 65 -21.80 3.58 14.47
N GLU C 66 -22.39 4.67 14.96
CA GLU C 66 -23.05 5.61 14.08
C GLU C 66 -22.17 5.96 12.88
N GLY C 67 -22.76 5.90 11.69
CA GLY C 67 -22.05 6.26 10.46
C GLY C 67 -21.08 5.22 9.94
N ALA C 68 -21.07 4.02 10.53
CA ALA C 68 -20.19 2.95 10.05
C ALA C 68 -20.70 2.43 8.71
N ARG C 69 -19.81 2.29 7.73
CA ARG C 69 -20.21 1.81 6.41
C ARG C 69 -20.25 0.27 6.33
N ALA C 70 -19.47 -0.37 7.19
CA ALA C 70 -19.47 -1.82 7.28
C ALA C 70 -19.36 -2.18 8.75
N VAL C 71 -20.09 -3.19 9.18
CA VAL C 71 -19.94 -3.72 10.54
C VAL C 71 -19.71 -5.23 10.53
N VAL C 72 -18.58 -5.65 11.08
CA VAL C 72 -18.19 -7.05 11.12
C VAL C 72 -18.79 -7.72 12.36
N LEU C 73 -19.52 -8.81 12.16
CA LEU C 73 -20.17 -9.51 13.25
C LEU C 73 -19.39 -10.79 13.57
N ALA C 74 -18.50 -10.69 14.56
CA ALA C 74 -17.69 -11.82 14.98
C ALA C 74 -18.04 -12.14 16.43
N ALA C 75 -19.34 -12.23 16.72
CA ALA C 75 -19.84 -12.21 18.10
C ALA C 75 -20.09 -13.58 18.77
N GLY C 76 -19.54 -14.65 18.22
CA GLY C 76 -19.75 -15.98 18.78
C GLY C 76 -19.47 -16.14 20.27
N VAL C 77 -20.37 -16.84 20.97
CA VAL C 77 -20.22 -17.10 22.41
C VAL C 77 -19.40 -18.37 22.68
N ALA C 78 -18.77 -18.45 23.84
CA ALA C 78 -17.85 -19.55 24.15
C ALA C 78 -18.58 -20.82 24.60
N GLN C 79 -18.16 -21.96 24.06
CA GLN C 79 -18.83 -23.23 24.35
C GLN C 79 -18.64 -23.70 25.79
N ARG C 80 -19.72 -24.14 26.40
CA ARG C 80 -19.67 -24.68 27.76
C ARG C 80 -19.38 -26.17 27.70
N PRO C 81 -18.71 -26.70 28.73
CA PRO C 81 -18.47 -28.14 28.74
C PRO C 81 -19.79 -28.92 28.67
N GLY C 82 -19.83 -29.95 27.82
CA GLY C 82 -21.01 -30.80 27.71
C GLY C 82 -22.07 -30.26 26.76
N GLU C 83 -21.94 -28.99 26.41
CA GLU C 83 -22.90 -28.34 25.51
C GLU C 83 -22.72 -28.84 24.07
N THR C 84 -23.81 -29.22 23.43
CA THR C 84 -23.79 -29.69 22.04
C THR C 84 -23.44 -28.55 21.11
N ARG C 85 -22.93 -28.86 19.91
CA ARG C 85 -22.70 -27.81 18.92
C ARG C 85 -24.03 -27.21 18.47
N LEU C 86 -25.07 -28.03 18.45
CA LEU C 86 -26.41 -27.54 18.16
C LEU C 86 -26.85 -26.55 19.23
N GLN C 87 -26.54 -26.87 20.49
CA GLN C 87 -26.88 -25.98 21.61
C GLN C 87 -26.07 -24.68 21.54
N LEU C 88 -24.85 -24.79 21.05
CA LEU C 88 -23.98 -23.65 20.83
C LEU C 88 -24.58 -22.74 19.75
N LEU C 89 -25.02 -23.34 18.66
CA LEU C 89 -25.69 -22.61 17.59
C LEU C 89 -26.88 -21.83 18.15
N ASP C 90 -27.75 -22.51 18.89
CA ASP C 90 -28.88 -21.85 19.53
C ASP C 90 -28.47 -20.59 20.28
N ARG C 91 -27.41 -20.69 21.09
CA ARG C 91 -26.96 -19.55 21.88
C ARG C 91 -26.41 -18.43 20.98
N ASN C 92 -25.73 -18.83 19.91
CA ASN C 92 -25.24 -17.83 18.96
C ASN C 92 -26.35 -17.17 18.16
N ALA C 93 -27.41 -17.93 17.89
CA ALA C 93 -28.55 -17.35 17.20
C ALA C 93 -29.25 -16.33 18.08
N GLN C 94 -29.36 -16.62 19.38
CA GLN C 94 -29.93 -15.65 20.32
C GLN C 94 -29.07 -14.39 20.41
N VAL C 95 -27.76 -14.58 20.38
CA VAL C 95 -26.83 -13.45 20.42
C VAL C 95 -27.09 -12.54 19.23
N PHE C 96 -27.22 -13.15 18.06
CA PHE C 96 -27.41 -12.40 16.83
C PHE C 96 -28.73 -11.65 16.87
N ALA C 97 -29.73 -12.27 17.50
CA ALA C 97 -31.04 -11.66 17.67
C ALA C 97 -30.93 -10.33 18.41
N GLN C 98 -29.94 -10.19 19.28
CA GLN C 98 -29.73 -8.94 19.99
C GLN C 98 -28.83 -8.01 19.19
N VAL C 99 -27.73 -8.56 18.68
CA VAL C 99 -26.70 -7.77 18.00
C VAL C 99 -27.20 -7.06 16.76
N VAL C 100 -27.89 -7.79 15.90
CA VAL C 100 -28.25 -7.25 14.60
C VAL C 100 -29.12 -5.99 14.68
N PRO C 101 -30.20 -6.04 15.46
CA PRO C 101 -31.03 -4.83 15.55
C PRO C 101 -30.33 -3.66 16.25
N ARG C 102 -29.47 -3.94 17.23
CA ARG C 102 -28.72 -2.89 17.93
CA ARG C 102 -28.78 -2.85 17.90
C ARG C 102 -27.75 -2.20 16.96
N VAL C 103 -27.07 -3.02 16.16
CA VAL C 103 -26.15 -2.48 15.16
C VAL C 103 -26.89 -1.57 14.19
N LEU C 104 -27.98 -2.08 13.63
CA LEU C 104 -28.71 -1.33 12.59
C LEU C 104 -29.43 -0.11 13.15
N GLU C 105 -29.73 -0.14 14.44
CA GLU C 105 -30.33 1.01 15.09
C GLU C 105 -29.34 2.18 14.99
N ALA C 106 -28.05 1.88 15.13
CA ALA C 106 -27.01 2.91 15.20
C ALA C 106 -26.45 3.24 13.84
N ALA C 107 -26.38 2.25 12.97
CA ALA C 107 -25.81 2.42 11.64
C ALA C 107 -26.72 1.80 10.59
N PRO C 108 -27.86 2.45 10.31
CA PRO C 108 -28.93 1.88 9.47
C PRO C 108 -28.48 1.55 8.04
N GLU C 109 -27.47 2.24 7.54
CA GLU C 109 -26.99 2.00 6.19
C GLU C 109 -25.78 1.06 6.13
N ALA C 110 -25.42 0.45 7.25
CA ALA C 110 -24.22 -0.39 7.30
C ALA C 110 -24.38 -1.72 6.55
N VAL C 111 -23.33 -2.14 5.88
CA VAL C 111 -23.28 -3.50 5.35
C VAL C 111 -22.85 -4.40 6.50
N LEU C 112 -23.58 -5.50 6.70
CA LEU C 112 -23.22 -6.44 7.76
C LEU C 112 -22.33 -7.54 7.16
N LEU C 113 -21.20 -7.79 7.81
CA LEU C 113 -20.23 -8.77 7.34
C LEU C 113 -20.11 -9.83 8.41
N VAL C 114 -20.68 -10.99 8.14
CA VAL C 114 -20.80 -12.05 9.15
C VAL C 114 -19.55 -12.93 9.17
N ALA C 115 -18.93 -13.05 10.34
CA ALA C 115 -17.75 -13.88 10.49
C ALA C 115 -17.99 -15.12 11.36
N THR C 116 -19.00 -15.07 12.20
CA THR C 116 -19.31 -16.16 13.14
C THR C 116 -19.66 -17.51 12.49
N ASN C 117 -19.04 -18.60 12.97
CA ASN C 117 -19.33 -19.94 12.47
C ASN C 117 -20.57 -20.59 13.11
N PRO C 118 -21.31 -21.42 12.35
CA PRO C 118 -21.12 -21.70 10.92
C PRO C 118 -21.58 -20.51 10.08
N VAL C 119 -20.67 -20.01 9.25
CA VAL C 119 -20.85 -18.71 8.65
C VAL C 119 -22.09 -18.64 7.76
N ASP C 120 -22.41 -19.74 7.08
CA ASP C 120 -23.54 -19.70 6.15
C ASP C 120 -24.86 -19.59 6.90
N VAL C 121 -25.02 -20.38 7.97
CA VAL C 121 -26.24 -20.33 8.75
C VAL C 121 -26.32 -19.01 9.50
N MET C 122 -25.20 -18.55 10.03
CA MET C 122 -25.20 -17.27 10.73
C MET C 122 -25.47 -16.10 9.78
N THR C 123 -25.06 -16.27 8.52
CA THR C 123 -25.40 -15.27 7.50
C THR C 123 -26.91 -15.27 7.27
N GLN C 124 -27.49 -16.47 7.20
CA GLN C 124 -28.94 -16.62 7.05
C GLN C 124 -29.70 -15.97 8.21
N VAL C 125 -29.18 -16.18 9.41
CA VAL C 125 -29.75 -15.63 10.64
C VAL C 125 -29.69 -14.10 10.62
N ALA C 126 -28.51 -13.56 10.33
CA ALA C 126 -28.32 -12.12 10.24
C ALA C 126 -29.24 -11.51 9.18
N TYR C 127 -29.37 -12.19 8.05
CA TYR C 127 -30.21 -11.68 6.96
C TYR C 127 -31.69 -11.64 7.36
N ALA C 128 -32.20 -12.75 7.88
CA ALA C 128 -33.60 -12.83 8.31
C ALA C 128 -33.91 -11.74 9.34
N LEU C 129 -33.06 -11.63 10.36
CA LEU C 129 -33.25 -10.65 11.43
C LEU C 129 -33.06 -9.19 11.00
N SER C 130 -32.26 -8.96 9.95
CA SER C 130 -31.91 -7.59 9.57
C SER C 130 -33.10 -6.79 9.02
N GLY C 131 -33.90 -7.44 8.18
CA GLY C 131 -34.96 -6.75 7.48
C GLY C 131 -34.42 -5.98 6.29
N LEU C 132 -33.16 -6.25 5.94
CA LEU C 132 -32.50 -5.58 4.82
C LEU C 132 -32.64 -6.37 3.51
N PRO C 133 -32.33 -5.73 2.39
CA PRO C 133 -32.24 -6.53 1.15
C PRO C 133 -31.08 -7.51 1.20
N PRO C 134 -31.20 -8.63 0.49
CA PRO C 134 -30.23 -9.73 0.57
C PRO C 134 -28.79 -9.30 0.33
N GLY C 135 -28.56 -8.31 -0.53
CA GLY C 135 -27.19 -7.89 -0.81
C GLY C 135 -26.48 -7.16 0.32
N ARG C 136 -27.23 -6.77 1.36
CA ARG C 136 -26.67 -6.00 2.46
C ARG C 136 -26.04 -6.85 3.57
N VAL C 137 -26.26 -8.16 3.51
CA VAL C 137 -25.75 -9.05 4.55
C VAL C 137 -24.90 -10.11 3.90
N VAL C 138 -23.59 -10.03 4.14
CA VAL C 138 -22.63 -10.90 3.48
C VAL C 138 -21.85 -11.67 4.53
N GLY C 139 -21.55 -12.93 4.26
CA GLY C 139 -20.69 -13.69 5.17
C GLY C 139 -19.36 -13.99 4.51
N SER C 140 -18.30 -14.11 5.30
CA SER C 140 -16.99 -14.38 4.73
C SER C 140 -17.02 -15.63 3.83
N GLY C 141 -17.85 -16.60 4.19
CA GLY C 141 -18.07 -17.78 3.35
C GLY C 141 -16.80 -18.53 2.98
N THR C 142 -16.61 -18.78 1.68
CA THR C 142 -15.46 -19.54 1.18
C THR C 142 -14.27 -18.68 0.71
N ILE C 143 -14.23 -17.41 1.10
CA ILE C 143 -13.14 -16.54 0.67
C ILE C 143 -11.75 -17.18 0.87
N LEU C 144 -11.50 -17.78 2.03
CA LEU C 144 -10.19 -18.40 2.33
C LEU C 144 -9.99 -19.73 1.58
N ASP C 145 -11.07 -20.49 1.40
CA ASP C 145 -10.98 -21.74 0.66
C ASP C 145 -10.65 -21.49 -0.82
N THR C 146 -11.31 -20.50 -1.40
CA THR C 146 -11.01 -20.06 -2.79
C THR C 146 -9.55 -19.71 -2.96
N ALA C 147 -9.04 -18.89 -2.03
CA ALA C 147 -7.64 -18.49 -2.03
C ALA C 147 -6.74 -19.72 -1.88
N ARG C 148 -7.10 -20.62 -0.98
CA ARG C 148 -6.35 -21.86 -0.77
C ARG C 148 -6.31 -22.74 -2.03
N PHE C 149 -7.47 -22.91 -2.66
CA PHE C 149 -7.57 -23.63 -3.94
C PHE C 149 -6.58 -23.05 -4.96
N ARG C 150 -6.60 -21.72 -5.10
CA ARG C 150 -5.72 -21.03 -6.02
C ARG C 150 -4.23 -21.25 -5.70
N ALA C 151 -3.90 -21.17 -4.42
CA ALA C 151 -2.52 -21.37 -3.98
C ALA C 151 -2.04 -22.76 -4.32
N LEU C 152 -2.86 -23.77 -4.05
CA LEU C 152 -2.45 -25.14 -4.31
C LEU C 152 -2.35 -25.38 -5.82
N LEU C 153 -3.31 -24.86 -6.58
CA LEU C 153 -3.20 -24.96 -8.04
C LEU C 153 -1.94 -24.24 -8.53
N ALA C 154 -1.68 -23.07 -7.96
CA ALA C 154 -0.53 -22.26 -8.38
C ALA C 154 0.76 -23.04 -8.14
N GLU C 155 0.86 -23.63 -6.95
CA GLU C 155 2.00 -24.46 -6.59
C GLU C 155 2.18 -25.63 -7.56
N TYR C 156 1.08 -26.32 -7.86
CA TYR C 156 1.13 -27.44 -8.79
C TYR C 156 1.60 -27.00 -10.18
N LEU C 157 1.08 -25.88 -10.65
CA LEU C 157 1.36 -25.41 -12.01
C LEU C 157 2.65 -24.60 -12.09
N ARG C 158 3.22 -24.27 -10.93
CA ARG C 158 4.40 -23.41 -10.84
C ARG C 158 4.12 -22.04 -11.47
N VAL C 159 3.03 -21.44 -11.02
CA VAL C 159 2.60 -20.13 -11.49
C VAL C 159 2.26 -19.27 -10.27
N ALA C 160 2.09 -17.96 -10.44
CA ALA C 160 1.68 -17.11 -9.33
C ALA C 160 0.20 -17.32 -9.02
N PRO C 161 -0.14 -17.33 -7.72
CA PRO C 161 -1.54 -17.50 -7.30
C PRO C 161 -2.44 -16.45 -7.90
N GLN C 162 -1.94 -15.22 -8.03
CA GLN C 162 -2.73 -14.14 -8.62
C GLN C 162 -3.14 -14.40 -10.07
N SER C 163 -2.49 -15.37 -10.73
CA SER C 163 -2.83 -15.70 -12.11
C SER C 163 -3.88 -16.81 -12.21
N VAL C 164 -4.19 -17.43 -11.07
CA VAL C 164 -5.14 -18.53 -11.02
C VAL C 164 -6.55 -18.03 -10.65
N HIS C 165 -7.50 -18.20 -11.56
CA HIS C 165 -8.86 -17.77 -11.27
C HIS C 165 -9.82 -18.96 -11.18
N ALA C 166 -9.99 -19.42 -9.94
CA ALA C 166 -10.78 -20.60 -9.62
C ALA C 166 -11.57 -20.33 -8.35
N TYR C 167 -12.68 -21.04 -8.17
CA TYR C 167 -13.57 -20.78 -7.05
C TYR C 167 -13.96 -22.02 -6.24
N VAL C 168 -14.14 -21.81 -4.94
CA VAL C 168 -14.78 -22.79 -4.07
C VAL C 168 -16.16 -22.24 -3.70
N LEU C 169 -17.20 -23.04 -3.94
CA LEU C 169 -18.58 -22.58 -3.76
C LEU C 169 -19.30 -23.38 -2.68
N GLY C 170 -20.47 -22.91 -2.28
CA GLY C 170 -21.32 -23.66 -1.36
C GLY C 170 -21.04 -23.39 0.10
N GLU C 171 -21.23 -24.43 0.91
CA GLU C 171 -20.94 -24.36 2.35
C GLU C 171 -19.47 -24.12 2.63
N HIS C 172 -19.18 -23.20 3.56
CA HIS C 172 -17.85 -23.11 4.15
C HIS C 172 -17.68 -24.27 5.10
N GLY C 173 -17.19 -25.39 4.59
CA GLY C 173 -17.13 -26.62 5.39
C GLY C 173 -17.03 -27.86 4.53
N ASP C 174 -17.46 -28.98 5.09
CA ASP C 174 -17.20 -30.30 4.49
C ASP C 174 -17.82 -30.51 3.13
N SER C 175 -18.90 -29.81 2.82
CA SER C 175 -19.55 -30.01 1.53
C SER C 175 -19.12 -29.01 0.42
N GLU C 176 -18.11 -28.19 0.70
CA GLU C 176 -17.51 -27.24 -0.26
C GLU C 176 -17.35 -27.81 -1.64
N VAL C 177 -17.56 -26.99 -2.67
CA VAL C 177 -17.42 -27.43 -4.06
C VAL C 177 -16.26 -26.71 -4.75
N LEU C 178 -15.24 -27.47 -5.15
CA LEU C 178 -14.15 -26.93 -5.94
C LEU C 178 -14.57 -26.91 -7.41
N VAL C 179 -14.48 -25.76 -8.05
CA VAL C 179 -14.89 -25.68 -9.45
C VAL C 179 -13.68 -25.86 -10.34
N TRP C 180 -13.46 -27.08 -10.82
CA TRP C 180 -12.33 -27.35 -11.68
C TRP C 180 -12.67 -27.00 -13.12
N SER C 181 -13.92 -27.20 -13.50
CA SER C 181 -14.29 -27.19 -14.91
C SER C 181 -14.05 -25.85 -15.59
N SER C 182 -14.44 -24.76 -14.94
CA SER C 182 -14.39 -23.45 -15.59
C SER C 182 -13.26 -22.58 -15.04
N ALA C 183 -12.35 -23.19 -14.30
CA ALA C 183 -11.21 -22.46 -13.77
C ALA C 183 -10.32 -22.05 -14.94
N GLN C 184 -9.64 -20.93 -14.76
CA GLN C 184 -8.70 -20.44 -15.77
CA GLN C 184 -8.71 -20.42 -15.77
C GLN C 184 -7.42 -19.94 -15.12
N VAL C 185 -6.33 -19.94 -15.89
CA VAL C 185 -5.05 -19.41 -15.44
C VAL C 185 -4.55 -18.43 -16.49
N GLY C 186 -4.44 -17.15 -16.12
CA GLY C 186 -4.00 -16.13 -17.07
C GLY C 186 -4.82 -16.07 -18.36
N GLY C 187 -6.12 -16.31 -18.25
CA GLY C 187 -7.02 -16.28 -19.40
C GLY C 187 -7.19 -17.64 -20.07
N VAL C 188 -6.41 -18.62 -19.65
CA VAL C 188 -6.42 -19.95 -20.30
C VAL C 188 -7.18 -20.98 -19.46
N PRO C 189 -8.08 -21.73 -20.10
CA PRO C 189 -8.81 -22.80 -19.39
C PRO C 189 -7.81 -23.69 -18.66
N LEU C 190 -8.11 -24.03 -17.41
CA LEU C 190 -7.18 -24.80 -16.56
C LEU C 190 -6.57 -26.05 -17.25
N LEU C 191 -7.41 -26.89 -17.85
CA LEU C 191 -6.90 -28.11 -18.48
C LEU C 191 -5.86 -27.81 -19.57
N GLU C 192 -6.14 -26.81 -20.39
CA GLU C 192 -5.18 -26.44 -21.43
C GLU C 192 -3.91 -25.91 -20.81
N PHE C 193 -4.02 -25.14 -19.74
CA PHE C 193 -2.83 -24.57 -19.15
C PHE C 193 -1.95 -25.69 -18.59
N ALA C 194 -2.54 -26.56 -17.77
CA ALA C 194 -1.79 -27.67 -17.19
C ALA C 194 -1.18 -28.53 -18.29
N GLU C 195 -1.99 -28.85 -19.30
CA GLU C 195 -1.55 -29.66 -20.42
C GLU C 195 -0.32 -29.04 -21.08
N ALA C 196 -0.41 -27.74 -21.35
CA ALA C 196 0.71 -27.03 -21.94
C ALA C 196 1.94 -27.13 -21.06
N ARG C 197 1.71 -27.02 -19.75
CA ARG C 197 2.80 -27.04 -18.78
C ARG C 197 3.39 -28.45 -18.66
N GLY C 198 2.80 -29.42 -19.37
CA GLY C 198 3.22 -30.80 -19.28
C GLY C 198 2.94 -31.39 -17.89
N ARG C 199 1.79 -31.06 -17.35
CA ARG C 199 1.42 -31.46 -16.00
C ARG C 199 -0.07 -31.70 -15.90
N ALA C 200 -0.59 -32.55 -16.77
CA ALA C 200 -2.00 -32.91 -16.73
C ALA C 200 -2.36 -33.40 -15.33
N LEU C 201 -3.43 -32.84 -14.79
CA LEU C 201 -3.90 -33.16 -13.45
C LEU C 201 -4.60 -34.50 -13.41
N SER C 202 -4.03 -35.45 -12.67
CA SER C 202 -4.63 -36.77 -12.51
C SER C 202 -5.69 -36.74 -11.41
N PRO C 203 -6.54 -37.78 -11.36
CA PRO C 203 -7.47 -37.93 -10.23
C PRO C 203 -6.73 -37.77 -8.90
N GLU C 204 -5.52 -38.30 -8.84
CA GLU C 204 -4.73 -38.27 -7.61
C GLU C 204 -4.29 -36.84 -7.24
N ASP C 205 -3.87 -36.07 -8.25
CA ASP C 205 -3.56 -34.66 -8.05
C ASP C 205 -4.78 -33.89 -7.54
N ARG C 206 -5.93 -34.10 -8.19
CA ARG C 206 -7.14 -33.40 -7.79
C ARG C 206 -7.59 -33.78 -6.38
N ALA C 207 -7.47 -35.05 -6.03
CA ALA C 207 -7.81 -35.52 -4.67
C ALA C 207 -6.93 -34.88 -3.61
N ARG C 208 -5.64 -34.78 -3.89
CA ARG C 208 -4.68 -34.20 -2.94
C ARG C 208 -4.98 -32.72 -2.72
N ILE C 209 -5.16 -31.97 -3.81
CA ILE C 209 -5.53 -30.57 -3.73
C ILE C 209 -6.89 -30.39 -3.06
N ASP C 210 -7.85 -31.27 -3.36
CA ASP C 210 -9.15 -31.19 -2.71
C ASP C 210 -8.99 -31.29 -1.19
N GLU C 211 -8.23 -32.29 -0.72
CA GLU C 211 -8.01 -32.43 0.72
C GLU C 211 -7.23 -31.24 1.30
N GLY C 212 -6.29 -30.70 0.52
CA GLY C 212 -5.54 -29.52 0.92
C GLY C 212 -6.44 -28.34 1.25
N VAL C 213 -7.49 -28.19 0.46
CA VAL C 213 -8.45 -27.11 0.69
C VAL C 213 -9.38 -27.46 1.86
N ARG C 214 -9.92 -28.68 1.83
CA ARG C 214 -11.08 -29.06 2.60
C ARG C 214 -10.72 -29.30 4.08
N ARG C 215 -9.44 -29.56 4.36
CA ARG C 215 -8.97 -29.82 5.71
CA ARG C 215 -9.00 -29.80 5.73
C ARG C 215 -7.99 -28.76 6.24
N ALA C 216 -7.86 -27.66 5.52
CA ALA C 216 -6.90 -26.61 5.88
C ALA C 216 -7.18 -25.97 7.25
N ALA C 217 -8.45 -25.69 7.52
CA ALA C 217 -8.82 -25.13 8.81
C ALA C 217 -8.61 -26.12 9.95
N TYR C 218 -9.03 -27.36 9.75
CA TYR C 218 -8.86 -28.40 10.77
C TYR C 218 -7.42 -28.47 11.26
N ARG C 219 -6.48 -28.44 10.31
CA ARG C 219 -5.05 -28.51 10.63
C ARG C 219 -4.58 -27.37 11.52
N ILE C 220 -5.05 -26.15 11.27
CA ILE C 220 -4.68 -25.02 12.12
C ILE C 220 -5.30 -25.15 13.51
N ILE C 221 -6.56 -25.60 13.55
CA ILE C 221 -7.28 -25.79 14.80
C ILE C 221 -6.55 -26.79 15.70
N GLU C 222 -6.06 -27.86 15.08
CA GLU C 222 -5.44 -28.94 15.82
C GLU C 222 -4.12 -28.50 16.43
N GLY C 223 -3.53 -27.45 15.87
CA GLY C 223 -2.22 -27.00 16.32
C GLY C 223 -2.28 -25.86 17.31
N LYS C 224 -3.30 -25.01 17.19
CA LYS C 224 -3.36 -23.84 18.06
C LYS C 224 -4.76 -23.51 18.56
N GLY C 225 -5.72 -24.36 18.25
CA GLY C 225 -7.04 -24.27 18.87
C GLY C 225 -8.08 -23.42 18.17
N ALA C 226 -7.64 -22.51 17.31
CA ALA C 226 -8.57 -21.68 16.56
C ALA C 226 -7.81 -20.96 15.46
N THR C 227 -8.50 -20.62 14.38
CA THR C 227 -7.90 -19.82 13.31
C THR C 227 -8.37 -18.38 13.49
N TYR C 228 -7.55 -17.42 13.08
CA TYR C 228 -7.93 -16.02 13.20
C TYR C 228 -7.11 -15.07 12.33
N TYR C 229 -5.83 -15.38 12.11
CA TYR C 229 -5.01 -14.51 11.29
C TYR C 229 -5.50 -14.50 9.83
N GLY C 230 -5.79 -15.68 9.28
CA GLY C 230 -6.21 -15.77 7.89
C GLY C 230 -7.50 -15.02 7.64
N ILE C 231 -8.52 -15.35 8.42
CA ILE C 231 -9.84 -14.75 8.24
C ILE C 231 -9.83 -13.26 8.60
N GLY C 232 -8.98 -12.87 9.56
CA GLY C 232 -8.82 -11.46 9.86
C GLY C 232 -8.45 -10.65 8.62
N ALA C 233 -7.45 -11.11 7.87
CA ALA C 233 -7.02 -10.41 6.65
C ALA C 233 -8.06 -10.53 5.55
N GLY C 234 -8.72 -11.68 5.48
CA GLY C 234 -9.79 -11.88 4.51
C GLY C 234 -10.94 -10.91 4.77
N LEU C 235 -11.34 -10.82 6.03
CA LEU C 235 -12.43 -9.91 6.39
C LEU C 235 -12.01 -8.48 6.11
N ALA C 236 -10.76 -8.16 6.45
CA ALA C 236 -10.25 -6.82 6.22
C ALA C 236 -10.31 -6.49 4.73
N ARG C 237 -10.07 -7.48 3.88
CA ARG C 237 -10.10 -7.30 2.43
C ARG C 237 -11.51 -7.05 1.92
N LEU C 238 -12.47 -7.80 2.46
CA LEU C 238 -13.87 -7.60 2.12
C LEU C 238 -14.38 -6.22 2.56
N VAL C 239 -13.99 -5.79 3.76
CA VAL C 239 -14.34 -4.45 4.25
C VAL C 239 -13.80 -3.39 3.28
N ARG C 240 -12.57 -3.58 2.82
CA ARG C 240 -11.98 -2.62 1.89
C ARG C 240 -12.73 -2.56 0.57
N ALA C 241 -13.16 -3.72 0.08
CA ALA C 241 -13.91 -3.80 -1.16
C ALA C 241 -15.20 -3.00 -1.00
N ILE C 242 -15.81 -3.13 0.16
CA ILE C 242 -17.05 -2.42 0.43
C ILE C 242 -16.83 -0.90 0.52
N LEU C 243 -15.82 -0.48 1.28
CA LEU C 243 -15.61 0.95 1.51
C LEU C 243 -15.12 1.69 0.26
N THR C 244 -14.39 1.00 -0.61
CA THR C 244 -13.87 1.66 -1.80
C THR C 244 -14.79 1.49 -3.00
N ASP C 245 -15.89 0.76 -2.80
CA ASP C 245 -16.82 0.47 -3.88
C ASP C 245 -16.11 -0.22 -5.03
N GLU C 246 -15.35 -1.24 -4.66
CA GLU C 246 -14.47 -1.92 -5.60
C GLU C 246 -15.17 -2.56 -6.80
N LYS C 247 -16.31 -3.21 -6.55
CA LYS C 247 -16.99 -4.00 -7.57
C LYS C 247 -16.08 -5.11 -8.07
N GLY C 248 -15.31 -5.70 -7.16
CA GLY C 248 -14.53 -6.88 -7.48
C GLY C 248 -15.30 -8.15 -7.12
N VAL C 249 -14.90 -9.26 -7.71
CA VAL C 249 -15.57 -10.53 -7.45
C VAL C 249 -14.94 -11.25 -6.25
N TYR C 250 -15.78 -11.72 -5.32
CA TYR C 250 -15.34 -12.55 -4.18
C TYR C 250 -16.35 -13.68 -3.89
N THR C 251 -15.89 -14.86 -3.51
CA THR C 251 -16.82 -15.93 -3.14
C THR C 251 -17.21 -15.70 -1.68
N VAL C 252 -18.32 -15.00 -1.48
CA VAL C 252 -18.81 -14.71 -0.14
C VAL C 252 -20.20 -15.27 -0.04
N SER C 253 -20.66 -15.46 1.19
CA SER C 253 -21.97 -16.04 1.44
C SER C 253 -23.05 -14.96 1.51
N ALA C 254 -24.20 -15.21 0.91
CA ALA C 254 -25.34 -14.31 1.03
C ALA C 254 -26.60 -15.11 0.76
N PHE C 255 -27.73 -14.61 1.22
CA PHE C 255 -29.01 -15.26 0.96
C PHE C 255 -29.24 -15.32 -0.55
N THR C 256 -29.57 -16.51 -1.05
CA THR C 256 -29.71 -16.78 -2.48
C THR C 256 -31.09 -17.35 -2.74
N PRO C 257 -31.89 -16.67 -3.56
CA PRO C 257 -33.27 -17.09 -3.81
C PRO C 257 -33.36 -18.50 -4.36
N GLU C 258 -32.50 -18.82 -5.33
CA GLU C 258 -32.45 -20.17 -5.88
C GLU C 258 -31.05 -20.54 -6.36
N VAL C 259 -30.59 -21.72 -5.98
CA VAL C 259 -29.32 -22.22 -6.48
C VAL C 259 -29.38 -23.74 -6.58
N ALA C 260 -29.11 -24.28 -7.77
CA ALA C 260 -29.12 -25.73 -8.01
C ALA C 260 -30.40 -26.43 -7.57
N GLY C 261 -31.54 -25.79 -7.79
CA GLY C 261 -32.81 -26.41 -7.47
C GLY C 261 -33.28 -26.13 -6.05
N VAL C 262 -32.39 -25.66 -5.19
CA VAL C 262 -32.72 -25.36 -3.79
C VAL C 262 -33.14 -23.90 -3.62
N LEU C 263 -34.10 -23.64 -2.74
CA LEU C 263 -34.65 -22.29 -2.60
C LEU C 263 -34.27 -21.61 -1.28
N GLU C 264 -34.00 -20.31 -1.38
CA GLU C 264 -33.83 -19.45 -0.21
C GLU C 264 -32.83 -20.01 0.79
N VAL C 265 -31.54 -19.93 0.41
CA VAL C 265 -30.48 -20.47 1.24
C VAL C 265 -29.25 -19.58 1.11
N SER C 266 -28.50 -19.42 2.19
CA SER C 266 -27.28 -18.63 2.14
C SER C 266 -26.07 -19.54 1.99
N LEU C 267 -25.30 -19.30 0.94
CA LEU C 267 -24.09 -20.08 0.68
C LEU C 267 -23.18 -19.21 -0.16
N SER C 268 -21.95 -19.65 -0.41
CA SER C 268 -21.02 -18.84 -1.19
C SER C 268 -21.11 -19.03 -2.71
N LEU C 269 -21.17 -17.91 -3.43
CA LEU C 269 -21.03 -17.87 -4.88
C LEU C 269 -20.16 -16.69 -5.23
N PRO C 270 -19.60 -16.65 -6.45
CA PRO C 270 -18.79 -15.48 -6.78
C PRO C 270 -19.70 -14.28 -6.88
N ARG C 271 -19.42 -13.23 -6.11
CA ARG C 271 -20.30 -12.07 -6.06
C ARG C 271 -19.54 -10.79 -6.26
N ILE C 272 -20.15 -9.85 -6.97
CA ILE C 272 -19.59 -8.53 -7.16
C ILE C 272 -19.84 -7.72 -5.90
N LEU C 273 -18.76 -7.25 -5.26
CA LEU C 273 -18.87 -6.62 -3.95
C LEU C 273 -18.43 -5.15 -3.99
N GLY C 274 -19.28 -4.26 -3.49
CA GLY C 274 -18.94 -2.86 -3.41
C GLY C 274 -19.73 -2.15 -2.32
N ALA C 275 -19.98 -0.85 -2.53
CA ALA C 275 -20.62 0.02 -1.53
C ALA C 275 -21.84 -0.56 -0.83
N GLY C 276 -22.85 -0.99 -1.57
CA GLY C 276 -24.03 -1.50 -0.87
C GLY C 276 -23.95 -2.97 -0.46
N GLY C 277 -22.77 -3.57 -0.58
CA GLY C 277 -22.65 -5.00 -0.39
C GLY C 277 -22.58 -5.70 -1.73
N VAL C 278 -23.30 -6.82 -1.90
CA VAL C 278 -23.27 -7.51 -3.19
C VAL C 278 -24.10 -6.81 -4.27
N ALA C 279 -23.45 -6.55 -5.40
CA ALA C 279 -24.06 -5.77 -6.48
C ALA C 279 -24.52 -6.69 -7.59
N GLY C 280 -24.27 -7.98 -7.40
CA GLY C 280 -24.63 -8.99 -8.38
C GLY C 280 -24.02 -10.32 -7.99
N THR C 281 -24.72 -11.39 -8.32
CA THR C 281 -24.29 -12.73 -7.98
C THR C 281 -24.07 -13.48 -9.29
N VAL C 282 -22.90 -14.09 -9.41
CA VAL C 282 -22.54 -14.84 -10.62
C VAL C 282 -22.74 -16.34 -10.40
N TYR C 283 -23.27 -17.03 -11.39
CA TYR C 283 -23.46 -18.48 -11.31
C TYR C 283 -22.53 -19.13 -12.33
N PRO C 284 -21.35 -19.60 -11.87
CA PRO C 284 -20.29 -20.03 -12.77
C PRO C 284 -20.68 -21.26 -13.59
N SER C 285 -19.92 -21.52 -14.64
CA SER C 285 -20.16 -22.71 -15.45
C SER C 285 -19.74 -23.93 -14.64
N LEU C 286 -20.65 -24.88 -14.46
CA LEU C 286 -20.36 -26.10 -13.71
C LEU C 286 -20.61 -27.34 -14.55
N SER C 287 -19.76 -28.35 -14.33
CA SER C 287 -19.98 -29.68 -14.88
C SER C 287 -21.10 -30.35 -14.10
N PRO C 288 -21.65 -31.44 -14.63
CA PRO C 288 -22.70 -32.19 -13.95
C PRO C 288 -22.30 -32.53 -12.51
N GLU C 289 -21.10 -33.06 -12.35
CA GLU C 289 -20.58 -33.44 -11.05
C GLU C 289 -20.49 -32.25 -10.08
N GLU C 290 -20.03 -31.10 -10.58
CA GLU C 290 -19.93 -29.91 -9.74
C GLU C 290 -21.31 -29.41 -9.35
N ARG C 291 -22.26 -29.51 -10.26
CA ARG C 291 -23.63 -29.05 -9.99
C ARG C 291 -24.29 -29.98 -8.97
N ALA C 292 -24.04 -31.29 -9.11
CA ALA C 292 -24.62 -32.25 -8.19
C ALA C 292 -24.09 -31.97 -6.81
N ALA C 293 -22.80 -31.65 -6.71
CA ALA C 293 -22.17 -31.37 -5.42
C ALA C 293 -22.71 -30.09 -4.81
N LEU C 294 -22.95 -29.07 -5.64
CA LEU C 294 -23.47 -27.80 -5.13
C LEU C 294 -24.89 -28.01 -4.59
N ARG C 295 -25.69 -28.78 -5.31
CA ARG C 295 -27.06 -29.01 -4.87
C ARG C 295 -27.04 -29.61 -3.48
N ARG C 296 -26.16 -30.60 -3.29
CA ARG C 296 -26.06 -31.27 -1.98
C ARG C 296 -25.63 -30.32 -0.88
N SER C 297 -24.65 -29.46 -1.17
CA SER C 297 -24.19 -28.45 -0.22
C SER C 297 -25.36 -27.52 0.15
N ALA C 298 -26.09 -27.07 -0.86
CA ALA C 298 -27.26 -26.22 -0.63
C ALA C 298 -28.29 -26.93 0.26
N GLU C 299 -28.55 -28.21 -0.03
CA GLU C 299 -29.55 -28.97 0.73
C GLU C 299 -29.17 -29.03 2.20
N ILE C 300 -27.89 -29.28 2.44
CA ILE C 300 -27.36 -29.37 3.78
C ILE C 300 -27.53 -28.06 4.54
N LEU C 301 -27.18 -26.95 3.91
CA LEU C 301 -27.36 -25.64 4.55
C LEU C 301 -28.83 -25.30 4.77
N LYS C 302 -29.65 -25.63 3.77
CA LYS C 302 -31.09 -25.40 3.86
C LYS C 302 -31.70 -26.16 5.04
N GLU C 303 -31.34 -27.43 5.20
CA GLU C 303 -31.84 -28.25 6.31
C GLU C 303 -31.38 -27.73 7.68
N ALA C 304 -30.14 -27.25 7.75
CA ALA C 304 -29.62 -26.71 9.00
C ALA C 304 -30.34 -25.42 9.40
N ALA C 305 -30.51 -24.52 8.43
CA ALA C 305 -31.24 -23.28 8.66
C ALA C 305 -32.64 -23.62 9.16
N PHE C 306 -33.35 -24.43 8.40
CA PHE C 306 -34.69 -24.86 8.77
C PHE C 306 -34.74 -25.45 10.19
N ALA C 307 -33.81 -26.36 10.48
CA ALA C 307 -33.73 -26.95 11.81
C ALA C 307 -33.62 -25.87 12.90
N LEU C 308 -32.81 -24.85 12.64
CA LEU C 308 -32.63 -23.76 13.59
C LEU C 308 -33.87 -22.85 13.63
N GLY C 309 -34.70 -22.94 12.60
CA GLY C 309 -35.90 -22.12 12.52
C GLY C 309 -35.82 -20.95 11.53
N PHE C 310 -34.90 -21.06 10.57
CA PHE C 310 -34.68 -20.00 9.58
C PHE C 310 -34.71 -20.53 8.15
N MET D 1 16.39 -10.87 3.02
CA MET D 1 14.98 -11.13 2.73
C MET D 1 14.39 -12.21 3.66
N LYS D 2 15.20 -12.75 4.57
CA LYS D 2 14.74 -13.76 5.52
C LYS D 2 14.81 -13.30 6.98
N VAL D 3 13.75 -13.53 7.73
CA VAL D 3 13.72 -13.17 9.14
C VAL D 3 13.31 -14.37 9.99
N GLY D 4 13.93 -14.52 11.16
CA GLY D 4 13.56 -15.61 12.06
C GLY D 4 12.88 -15.08 13.33
N ILE D 5 11.95 -15.84 13.87
CA ILE D 5 11.27 -15.47 15.10
C ILE D 5 11.33 -16.65 16.06
N VAL D 6 12.00 -16.47 17.20
CA VAL D 6 12.10 -17.54 18.21
C VAL D 6 11.05 -17.32 19.30
N GLY D 7 10.10 -18.24 19.38
CA GLY D 7 8.96 -18.05 20.25
C GLY D 7 7.79 -17.59 19.40
N SER D 8 6.94 -18.55 19.03
CA SER D 8 5.79 -18.33 18.17
C SER D 8 4.55 -18.28 19.03
N GLY D 9 4.60 -17.50 20.11
CA GLY D 9 3.44 -17.41 20.96
C GLY D 9 2.66 -16.19 20.51
N MET D 10 2.04 -15.52 21.48
CA MET D 10 1.25 -14.33 21.16
C MET D 10 2.12 -13.27 20.52
N VAL D 11 3.25 -12.94 21.14
CA VAL D 11 4.11 -11.87 20.61
C VAL D 11 4.77 -12.29 19.29
N GLY D 12 5.34 -13.49 19.28
CA GLY D 12 6.00 -14.00 18.09
C GLY D 12 5.07 -14.09 16.88
N SER D 13 3.85 -14.57 17.07
CA SER D 13 2.93 -14.73 15.94
C SER D 13 2.32 -13.41 15.47
N ALA D 14 2.03 -12.51 16.40
CA ALA D 14 1.57 -11.17 16.02
C ALA D 14 2.65 -10.48 15.20
N THR D 15 3.90 -10.66 15.59
CA THR D 15 4.99 -10.08 14.80
C THR D 15 4.99 -10.65 13.38
N ALA D 16 4.89 -11.98 13.26
CA ALA D 16 4.86 -12.60 11.95
C ALA D 16 3.69 -12.04 11.12
N TYR D 17 2.53 -11.90 11.74
CA TYR D 17 1.34 -11.39 11.07
C TYR D 17 1.56 -9.97 10.56
N ALA D 18 2.12 -9.11 11.41
CA ALA D 18 2.37 -7.72 11.04
C ALA D 18 3.40 -7.64 9.92
N LEU D 19 4.43 -8.46 10.02
CA LEU D 19 5.43 -8.51 8.95
C LEU D 19 4.75 -8.82 7.62
N ALA D 20 3.80 -9.77 7.67
CA ALA D 20 3.10 -10.22 6.47
C ALA D 20 2.16 -9.12 5.93
N LEU D 21 1.37 -8.52 6.83
CA LEU D 21 0.45 -7.45 6.49
C LEU D 21 1.17 -6.22 5.94
N LEU D 22 2.39 -5.98 6.43
CA LEU D 22 3.17 -4.81 6.01
C LEU D 22 4.15 -5.14 4.88
N GLY D 23 4.17 -6.41 4.48
CA GLY D 23 5.02 -6.82 3.37
C GLY D 23 6.50 -6.53 3.61
N VAL D 24 6.96 -6.78 4.83
CA VAL D 24 8.34 -6.48 5.22
C VAL D 24 9.38 -7.46 4.67
N ALA D 25 9.11 -8.75 4.76
CA ALA D 25 10.10 -9.74 4.34
C ALA D 25 9.51 -10.81 3.43
N ARG D 26 10.31 -11.36 2.54
CA ARG D 26 9.83 -12.42 1.64
C ARG D 26 9.76 -13.76 2.37
N GLU D 27 10.54 -13.92 3.43
CA GLU D 27 10.56 -15.19 4.16
C GLU D 27 10.56 -14.96 5.66
N VAL D 28 9.66 -15.64 6.35
CA VAL D 28 9.57 -15.58 7.80
C VAL D 28 9.52 -17.01 8.38
N VAL D 29 10.55 -17.39 9.15
CA VAL D 29 10.57 -18.69 9.80
C VAL D 29 10.28 -18.61 11.31
N LEU D 30 9.34 -19.44 11.77
CA LEU D 30 8.88 -19.45 13.16
C LEU D 30 9.50 -20.64 13.87
N VAL D 31 10.34 -20.38 14.87
CA VAL D 31 10.97 -21.45 15.64
C VAL D 31 10.37 -21.51 17.05
N ASP D 32 9.60 -22.55 17.34
CA ASP D 32 9.07 -22.72 18.69
C ASP D 32 9.41 -24.11 19.22
N LEU D 33 9.52 -24.24 20.54
CA LEU D 33 9.62 -25.55 21.17
C LEU D 33 8.45 -26.41 20.71
N ASP D 34 7.30 -25.78 20.51
CA ASP D 34 6.09 -26.50 20.11
C ASP D 34 5.95 -26.34 18.60
N ARG D 35 6.46 -27.33 17.86
CA ARG D 35 6.47 -27.24 16.41
CA ARG D 35 6.46 -27.28 16.41
C ARG D 35 5.06 -27.18 15.82
N LYS D 36 4.12 -27.91 16.41
CA LYS D 36 2.74 -27.90 15.90
C LYS D 36 2.09 -26.53 16.03
N LEU D 37 2.34 -25.86 17.14
CA LEU D 37 1.84 -24.52 17.35
C LEU D 37 2.40 -23.58 16.30
N ALA D 38 3.72 -23.61 16.13
CA ALA D 38 4.38 -22.75 15.15
C ALA D 38 3.88 -23.02 13.74
N GLN D 39 3.70 -24.30 13.41
CA GLN D 39 3.19 -24.70 12.10
CA GLN D 39 3.20 -24.68 12.09
C GLN D 39 1.79 -24.15 11.88
N ALA D 40 0.95 -24.26 12.89
CA ALA D 40 -0.42 -23.76 12.82
C ALA D 40 -0.41 -22.24 12.60
N HIS D 41 0.40 -21.51 13.38
CA HIS D 41 0.52 -20.08 13.22
C HIS D 41 0.97 -19.73 11.82
N ALA D 42 1.97 -20.47 11.33
CA ALA D 42 2.49 -20.26 9.99
C ALA D 42 1.40 -20.44 8.92
N GLU D 43 0.61 -21.51 9.02
CA GLU D 43 -0.42 -21.77 8.02
C GLU D 43 -1.54 -20.75 8.09
N ASP D 44 -1.90 -20.38 9.32
CA ASP D 44 -2.93 -19.37 9.56
C ASP D 44 -2.54 -18.04 8.89
N ILE D 45 -1.29 -17.62 9.10
CA ILE D 45 -0.80 -16.37 8.50
C ILE D 45 -0.65 -16.53 6.98
N LEU D 46 -0.24 -17.71 6.54
CA LEU D 46 -0.10 -17.96 5.12
C LEU D 46 -1.43 -17.74 4.39
N HIS D 47 -2.52 -18.11 5.04
CA HIS D 47 -3.85 -17.94 4.46
C HIS D 47 -4.27 -16.47 4.44
N ALA D 48 -3.56 -15.64 5.18
CA ALA D 48 -3.79 -14.20 5.14
C ALA D 48 -3.11 -13.52 3.93
N THR D 49 -2.02 -14.14 3.44
CA THR D 49 -1.17 -13.45 2.46
C THR D 49 -1.84 -13.10 1.14
N PRO D 50 -2.76 -13.94 0.67
CA PRO D 50 -3.47 -13.59 -0.57
C PRO D 50 -4.18 -12.23 -0.45
N PHE D 51 -4.44 -11.79 0.78
CA PHE D 51 -5.16 -10.53 1.02
C PHE D 51 -4.24 -9.42 1.51
N ALA D 52 -2.93 -9.59 1.33
CA ALA D 52 -1.94 -8.61 1.79
C ALA D 52 -0.73 -8.59 0.86
N HIS D 53 0.33 -9.30 1.24
CA HIS D 53 1.56 -9.33 0.44
C HIS D 53 2.13 -10.73 0.40
N PRO D 54 2.73 -11.11 -0.75
CA PRO D 54 3.35 -12.42 -0.89
C PRO D 54 4.49 -12.60 0.11
N VAL D 55 4.36 -13.58 0.99
CA VAL D 55 5.36 -13.87 2.00
C VAL D 55 5.34 -15.37 2.29
N TRP D 56 6.51 -15.99 2.31
CA TRP D 56 6.64 -17.38 2.70
C TRP D 56 6.83 -17.46 4.21
N VAL D 57 5.78 -17.87 4.91
CA VAL D 57 5.87 -18.08 6.35
C VAL D 57 5.81 -19.57 6.67
N TRP D 58 6.78 -20.05 7.43
CA TRP D 58 6.85 -21.48 7.75
C TRP D 58 7.49 -21.74 9.10
N ALA D 59 7.39 -22.99 9.57
CA ALA D 59 7.90 -23.35 10.90
C ALA D 59 9.05 -24.34 10.81
N GLY D 60 10.14 -24.05 11.50
CA GLY D 60 11.30 -24.91 11.47
C GLY D 60 11.99 -25.05 12.81
N SER D 61 13.19 -25.62 12.76
CA SER D 61 14.00 -25.79 13.95
C SER D 61 14.98 -24.64 14.02
N TYR D 62 15.81 -24.60 15.05
CA TYR D 62 16.78 -23.52 15.15
C TYR D 62 17.70 -23.49 13.92
N GLY D 63 18.12 -24.66 13.45
CA GLY D 63 18.96 -24.75 12.27
C GLY D 63 18.37 -23.98 11.10
N ASP D 64 17.04 -23.97 11.01
CA ASP D 64 16.35 -23.24 9.96
C ASP D 64 16.44 -21.71 10.03
N LEU D 65 17.10 -21.18 11.05
CA LEU D 65 17.33 -19.73 11.13
C LEU D 65 18.48 -19.32 10.20
N GLU D 66 19.17 -20.30 9.65
CA GLU D 66 20.21 -20.07 8.65
C GLU D 66 19.81 -19.00 7.65
N GLY D 67 20.65 -17.97 7.52
CA GLY D 67 20.47 -16.95 6.50
C GLY D 67 19.61 -15.77 6.93
N ALA D 68 19.08 -15.82 8.14
CA ALA D 68 18.24 -14.73 8.62
C ALA D 68 19.10 -13.50 8.86
N ARG D 69 18.61 -12.35 8.38
CA ARG D 69 19.28 -11.07 8.59
C ARG D 69 18.93 -10.52 9.97
N ALA D 70 17.76 -10.91 10.45
CA ALA D 70 17.33 -10.55 11.80
C ALA D 70 16.61 -11.72 12.46
N VAL D 71 16.83 -11.91 13.75
CA VAL D 71 16.10 -12.90 14.52
C VAL D 71 15.46 -12.28 15.74
N VAL D 72 14.15 -12.39 15.83
CA VAL D 72 13.39 -11.81 16.94
C VAL D 72 13.31 -12.82 18.09
N LEU D 73 13.69 -12.41 19.29
CA LEU D 73 13.62 -13.30 20.45
C LEU D 73 12.39 -12.94 21.26
N ALA D 74 11.40 -13.82 21.25
CA ALA D 74 10.09 -13.54 21.84
C ALA D 74 9.63 -14.74 22.66
N ALA D 75 10.60 -15.49 23.16
CA ALA D 75 10.35 -16.65 24.01
C ALA D 75 10.43 -16.23 25.47
N GLY D 76 9.68 -16.90 26.35
CA GLY D 76 9.78 -16.62 27.77
C GLY D 76 8.47 -16.23 28.41
N VAL D 77 8.43 -16.27 29.75
CA VAL D 77 7.22 -15.93 30.49
C VAL D 77 6.91 -14.45 30.45
N ALA D 78 5.63 -14.12 30.59
CA ALA D 78 5.17 -12.74 30.58
C ALA D 78 4.63 -12.41 31.96
N GLN D 79 4.57 -11.14 32.31
CA GLN D 79 4.13 -10.77 33.66
C GLN D 79 2.63 -10.96 33.85
N ARG D 80 2.25 -11.42 35.04
CA ARG D 80 0.86 -11.55 35.45
C ARG D 80 0.48 -10.27 36.20
N PRO D 81 -0.83 -10.05 36.40
CA PRO D 81 -1.38 -8.88 37.10
C PRO D 81 -0.49 -8.27 38.21
N GLY D 82 -0.10 -9.04 39.22
CA GLY D 82 0.65 -8.48 40.33
C GLY D 82 2.16 -8.35 40.13
N GLU D 83 2.64 -8.61 38.91
CA GLU D 83 4.08 -8.72 38.65
C GLU D 83 4.64 -7.56 37.82
N THR D 84 5.87 -7.15 38.11
CA THR D 84 6.57 -6.25 37.21
C THR D 84 7.38 -7.09 36.22
N ARG D 85 7.78 -6.47 35.11
CA ARG D 85 8.65 -7.12 34.13
C ARG D 85 9.99 -7.58 34.75
N LEU D 86 10.49 -6.84 35.71
CA LEU D 86 11.79 -7.20 36.31
C LEU D 86 11.76 -8.53 37.06
N GLN D 87 10.56 -8.91 37.51
CA GLN D 87 10.39 -10.16 38.25
C GLN D 87 10.41 -11.40 37.35
N LEU D 88 10.55 -11.19 36.06
CA LEU D 88 10.60 -12.29 35.09
C LEU D 88 12.04 -12.62 34.76
N LEU D 89 12.96 -11.79 35.25
CA LEU D 89 14.34 -11.82 34.80
C LEU D 89 15.05 -13.16 34.99
N ASP D 90 14.95 -13.73 36.19
CA ASP D 90 15.67 -14.97 36.49
C ASP D 90 15.16 -16.17 35.65
N ARG D 91 13.85 -16.29 35.55
CA ARG D 91 13.26 -17.33 34.69
C ARG D 91 13.69 -17.18 33.23
N ASN D 92 13.64 -15.95 32.73
CA ASN D 92 13.93 -15.73 31.32
C ASN D 92 15.43 -15.69 31.00
N ALA D 93 16.25 -15.37 31.99
CA ALA D 93 17.69 -15.44 31.79
C ALA D 93 18.13 -16.89 31.60
N GLN D 94 17.47 -17.82 32.29
CA GLN D 94 17.76 -19.23 32.07
C GLN D 94 17.35 -19.64 30.66
N VAL D 95 16.23 -19.11 30.19
CA VAL D 95 15.76 -19.44 28.84
C VAL D 95 16.73 -18.92 27.77
N PHE D 96 17.25 -17.72 27.96
CA PHE D 96 18.18 -17.18 26.99
C PHE D 96 19.50 -17.93 27.01
N ALA D 97 19.87 -18.56 28.13
CA ALA D 97 21.11 -19.34 28.15
C ALA D 97 20.98 -20.54 27.20
N GLN D 98 19.75 -20.94 26.91
CA GLN D 98 19.49 -21.99 25.91
C GLN D 98 19.28 -21.41 24.50
N VAL D 99 18.52 -20.33 24.43
CA VAL D 99 18.14 -19.76 23.12
C VAL D 99 19.31 -19.11 22.42
N VAL D 100 20.02 -18.24 23.13
CA VAL D 100 21.06 -17.43 22.50
C VAL D 100 22.14 -18.20 21.72
N PRO D 101 22.80 -19.19 22.33
CA PRO D 101 23.82 -19.96 21.60
C PRO D 101 23.23 -20.72 20.40
N ARG D 102 22.02 -21.23 20.54
CA ARG D 102 21.39 -21.94 19.43
C ARG D 102 21.15 -21.01 18.24
N VAL D 103 20.82 -19.74 18.50
CA VAL D 103 20.65 -18.78 17.41
C VAL D 103 22.01 -18.41 16.79
N LEU D 104 22.98 -18.17 17.66
CA LEU D 104 24.34 -17.82 17.23
C LEU D 104 24.97 -18.92 16.37
N GLU D 105 24.67 -20.17 16.70
CA GLU D 105 25.23 -21.30 15.97
C GLU D 105 24.61 -21.38 14.57
N ALA D 106 23.29 -21.19 14.50
CA ALA D 106 22.60 -21.33 13.22
C ALA D 106 22.73 -20.08 12.33
N ALA D 107 22.73 -18.89 12.93
CA ALA D 107 22.80 -17.64 12.16
C ALA D 107 23.69 -16.61 12.84
N PRO D 108 25.01 -16.82 12.76
CA PRO D 108 25.97 -15.95 13.47
C PRO D 108 26.00 -14.51 12.96
N GLU D 109 25.52 -14.25 11.76
CA GLU D 109 25.51 -12.87 11.25
C GLU D 109 24.20 -12.14 11.51
N ALA D 110 23.24 -12.79 12.17
CA ALA D 110 21.93 -12.19 12.34
C ALA D 110 21.98 -11.05 13.36
N VAL D 111 21.22 -9.99 13.10
CA VAL D 111 21.01 -8.97 14.12
C VAL D 111 19.97 -9.55 15.07
N LEU D 112 20.26 -9.55 16.36
CA LEU D 112 19.31 -10.02 17.36
C LEU D 112 18.38 -8.88 17.79
N LEU D 113 17.08 -9.14 17.76
CA LEU D 113 16.07 -8.16 18.13
C LEU D 113 15.31 -8.74 19.31
N VAL D 114 15.55 -8.21 20.50
CA VAL D 114 15.01 -8.82 21.72
C VAL D 114 13.64 -8.26 22.13
N ALA D 115 12.66 -9.14 22.28
CA ALA D 115 11.35 -8.73 22.77
C ALA D 115 11.09 -9.20 24.21
N THR D 116 11.61 -10.38 24.55
CA THR D 116 11.42 -11.00 25.88
C THR D 116 11.69 -10.04 27.04
N ASN D 117 10.77 -10.01 28.01
CA ASN D 117 10.91 -9.13 29.17
C ASN D 117 11.74 -9.73 30.31
N PRO D 118 12.34 -8.88 31.16
CA PRO D 118 12.36 -7.42 31.03
C PRO D 118 13.31 -7.08 29.90
N VAL D 119 12.82 -6.36 28.89
CA VAL D 119 13.48 -6.32 27.60
C VAL D 119 14.89 -5.72 27.67
N ASP D 120 15.07 -4.71 28.51
CA ASP D 120 16.39 -4.08 28.66
C ASP D 120 17.44 -5.01 29.21
N VAL D 121 17.16 -5.65 30.34
CA VAL D 121 18.11 -6.60 30.88
C VAL D 121 18.27 -7.85 30.02
N MET D 122 17.18 -8.33 29.40
CA MET D 122 17.30 -9.50 28.53
C MET D 122 18.19 -9.16 27.34
N THR D 123 18.15 -7.89 26.94
CA THR D 123 19.05 -7.39 25.90
C THR D 123 20.49 -7.47 26.39
N GLN D 124 20.71 -7.04 27.63
CA GLN D 124 22.03 -7.14 28.25
C GLN D 124 22.48 -8.59 28.27
N VAL D 125 21.59 -9.47 28.75
CA VAL D 125 21.86 -10.91 28.80
C VAL D 125 22.18 -11.50 27.45
N ALA D 126 21.43 -11.10 26.41
CA ALA D 126 21.67 -11.60 25.06
C ALA D 126 23.03 -11.12 24.56
N TYR D 127 23.31 -9.84 24.80
CA TYR D 127 24.58 -9.27 24.37
C TYR D 127 25.74 -10.02 25.02
N ALA D 128 25.67 -10.24 26.33
CA ALA D 128 26.72 -10.94 27.07
C ALA D 128 26.93 -12.37 26.58
N LEU D 129 25.84 -13.10 26.40
CA LEU D 129 25.91 -14.48 25.96
C LEU D 129 26.32 -14.61 24.48
N SER D 130 25.94 -13.62 23.67
CA SER D 130 26.16 -13.72 22.23
C SER D 130 27.62 -13.63 21.84
N GLY D 131 28.36 -12.76 22.54
CA GLY D 131 29.73 -12.48 22.17
C GLY D 131 29.80 -11.59 20.94
N LEU D 132 28.64 -11.10 20.49
CA LEU D 132 28.58 -10.22 19.33
C LEU D 132 28.96 -8.78 19.71
N PRO D 133 29.34 -7.97 18.71
CA PRO D 133 29.51 -6.53 18.90
C PRO D 133 28.23 -5.91 19.46
N PRO D 134 28.38 -4.91 20.35
CA PRO D 134 27.28 -4.28 21.09
C PRO D 134 26.11 -3.86 20.20
N GLY D 135 26.38 -3.25 19.04
CA GLY D 135 25.31 -2.76 18.18
C GLY D 135 24.51 -3.85 17.47
N ARG D 136 24.97 -5.09 17.52
CA ARG D 136 24.28 -6.18 16.80
C ARG D 136 23.16 -6.83 17.63
N VAL D 137 23.01 -6.40 18.87
CA VAL D 137 21.98 -6.94 19.75
C VAL D 137 21.10 -5.80 20.23
N VAL D 138 19.86 -5.78 19.76
CA VAL D 138 18.98 -4.63 20.00
C VAL D 138 17.73 -5.09 20.70
N GLY D 139 17.29 -4.35 21.71
CA GLY D 139 16.03 -4.66 22.35
C GLY D 139 14.96 -3.69 21.91
N SER D 140 13.71 -4.14 21.86
CA SER D 140 12.64 -3.26 21.40
C SER D 140 12.59 -2.02 22.28
N GLY D 141 12.87 -2.21 23.56
CA GLY D 141 13.02 -1.08 24.47
C GLY D 141 11.77 -0.22 24.57
N THR D 142 11.95 1.10 24.52
CA THR D 142 10.81 1.99 24.64
C THR D 142 10.12 2.28 23.31
N ILE D 143 10.43 1.49 22.29
CA ILE D 143 9.77 1.73 21.02
C ILE D 143 8.26 1.69 21.19
N LEU D 144 7.77 0.81 22.08
CA LEU D 144 6.34 0.65 22.29
C LEU D 144 5.79 1.76 23.20
N ASP D 145 6.57 2.14 24.21
CA ASP D 145 6.14 3.23 25.08
C ASP D 145 6.08 4.53 24.32
N THR D 146 7.04 4.74 23.43
CA THR D 146 7.06 5.94 22.58
C THR D 146 5.81 5.98 21.71
N ALA D 147 5.47 4.85 21.09
CA ALA D 147 4.27 4.78 20.28
C ALA D 147 3.02 5.07 21.09
N ARG D 148 2.96 4.55 22.32
CA ARG D 148 1.83 4.79 23.22
C ARG D 148 1.69 6.27 23.58
N PHE D 149 2.82 6.91 23.83
CA PHE D 149 2.88 8.32 24.21
C PHE D 149 2.34 9.13 23.02
N ARG D 150 2.79 8.78 21.82
CA ARG D 150 2.37 9.48 20.60
C ARG D 150 0.89 9.26 20.30
N ALA D 151 0.44 8.01 20.47
CA ALA D 151 -0.96 7.67 20.21
C ALA D 151 -1.90 8.35 21.20
N LEU D 152 -1.52 8.36 22.47
CA LEU D 152 -2.35 8.99 23.50
C LEU D 152 -2.42 10.52 23.30
N LEU D 153 -1.30 11.13 22.93
CA LEU D 153 -1.29 12.56 22.63
C LEU D 153 -2.07 12.82 21.34
N ALA D 154 -2.00 11.88 20.40
CA ALA D 154 -2.76 11.99 19.17
C ALA D 154 -4.25 12.02 19.50
N GLU D 155 -4.69 11.09 20.33
CA GLU D 155 -6.08 11.07 20.77
C GLU D 155 -6.47 12.37 21.46
N TYR D 156 -5.55 12.91 22.24
CA TYR D 156 -5.83 14.12 23.01
C TYR D 156 -5.97 15.34 22.09
N LEU D 157 -5.10 15.43 21.10
CA LEU D 157 -5.03 16.61 20.23
C LEU D 157 -5.83 16.49 18.94
N ARG D 158 -6.22 15.27 18.58
CA ARG D 158 -6.92 15.03 17.31
C ARG D 158 -5.99 15.31 16.11
N VAL D 159 -4.74 14.91 16.26
CA VAL D 159 -3.73 14.97 15.21
C VAL D 159 -3.19 13.55 15.01
N ALA D 160 -2.91 13.18 13.77
CA ALA D 160 -2.39 11.84 13.50
C ALA D 160 -1.08 11.70 14.26
N PRO D 161 -0.80 10.50 14.80
CA PRO D 161 0.42 10.29 15.60
C PRO D 161 1.73 10.46 14.82
N GLN D 162 1.69 10.33 13.50
CA GLN D 162 2.84 10.57 12.64
C GLN D 162 3.37 11.99 12.83
N SER D 163 2.46 12.90 13.16
CA SER D 163 2.81 14.31 13.32
C SER D 163 2.99 14.67 14.79
N VAL D 164 2.87 13.70 15.69
CA VAL D 164 3.08 13.98 17.10
C VAL D 164 4.43 13.44 17.50
N HIS D 165 5.36 14.36 17.75
CA HIS D 165 6.74 13.99 18.00
C HIS D 165 7.11 14.06 19.47
N ALA D 166 7.06 12.90 20.13
CA ALA D 166 7.34 12.78 21.55
C ALA D 166 7.89 11.39 21.75
N TYR D 167 8.84 11.22 22.67
CA TYR D 167 9.35 9.88 22.95
C TYR D 167 9.59 9.58 24.42
N VAL D 168 9.88 8.31 24.69
CA VAL D 168 10.12 7.79 26.03
C VAL D 168 11.51 7.18 26.03
N LEU D 169 12.28 7.43 27.09
CA LEU D 169 13.64 6.91 27.22
C LEU D 169 13.81 6.08 28.48
N GLY D 170 14.91 5.34 28.56
CA GLY D 170 15.22 4.55 29.74
C GLY D 170 14.63 3.16 29.74
N GLU D 171 14.13 2.74 30.90
CA GLU D 171 13.57 1.40 31.04
C GLU D 171 12.25 1.30 30.31
N HIS D 172 12.04 0.16 29.64
CA HIS D 172 10.71 -0.23 29.20
C HIS D 172 10.03 -0.78 30.44
N GLY D 173 9.46 0.10 31.25
CA GLY D 173 8.89 -0.32 32.52
C GLY D 173 8.56 0.85 33.41
N ASP D 174 8.42 0.57 34.71
CA ASP D 174 7.91 1.54 35.67
C ASP D 174 8.78 2.79 35.81
N SER D 175 10.06 2.68 35.51
CA SER D 175 10.94 3.84 35.70
C SER D 175 11.16 4.63 34.40
N GLU D 176 10.36 4.36 33.38
CA GLU D 176 10.55 5.02 32.08
C GLU D 176 10.40 6.55 32.16
N VAL D 177 11.04 7.24 31.20
CA VAL D 177 11.08 8.70 31.20
C VAL D 177 10.40 9.29 29.97
N LEU D 178 9.24 9.92 30.18
CA LEU D 178 8.55 10.67 29.13
C LEU D 178 9.22 12.01 28.92
N VAL D 179 9.68 12.29 27.70
CA VAL D 179 10.47 13.50 27.48
C VAL D 179 9.59 14.64 26.99
N TRP D 180 8.92 15.28 27.95
CA TRP D 180 8.03 16.37 27.63
C TRP D 180 8.78 17.60 27.11
N SER D 181 10.03 17.77 27.55
CA SER D 181 10.77 19.01 27.29
C SER D 181 10.98 19.34 25.82
N SER D 182 11.17 18.33 24.98
CA SER D 182 11.44 18.57 23.57
C SER D 182 10.27 18.17 22.65
N ALA D 183 9.21 17.63 23.25
CA ALA D 183 8.06 17.16 22.49
C ALA D 183 7.50 18.31 21.64
N GLN D 184 6.99 17.98 20.47
CA GLN D 184 6.81 18.97 19.42
C GLN D 184 5.74 18.54 18.42
N VAL D 185 4.96 19.51 17.92
CA VAL D 185 4.04 19.28 16.81
C VAL D 185 4.20 20.44 15.85
N GLY D 186 4.40 20.13 14.58
CA GLY D 186 4.60 21.15 13.55
C GLY D 186 5.65 22.19 13.93
N GLY D 187 6.70 21.77 14.62
CA GLY D 187 7.79 22.66 14.99
C GLY D 187 7.52 23.56 16.19
N VAL D 188 6.37 23.37 16.83
CA VAL D 188 6.01 24.10 18.04
C VAL D 188 6.09 23.20 19.27
N PRO D 189 6.71 23.70 20.35
CA PRO D 189 6.73 22.92 21.60
C PRO D 189 5.33 22.45 21.95
N LEU D 190 5.23 21.19 22.36
CA LEU D 190 3.95 20.50 22.58
C LEU D 190 2.93 21.31 23.37
N LEU D 191 3.34 21.80 24.54
CA LEU D 191 2.43 22.52 25.41
C LEU D 191 1.88 23.77 24.76
N GLU D 192 2.73 24.47 23.99
CA GLU D 192 2.30 25.66 23.26
C GLU D 192 1.34 25.26 22.16
N PHE D 193 1.61 24.12 21.53
CA PHE D 193 0.71 23.62 20.52
C PHE D 193 -0.67 23.37 21.11
N ALA D 194 -0.72 22.65 22.22
CA ALA D 194 -1.99 22.30 22.83
C ALA D 194 -2.71 23.57 23.27
N GLU D 195 -1.99 24.50 23.86
CA GLU D 195 -2.55 25.80 24.18
C GLU D 195 -3.27 26.42 22.98
N ALA D 196 -2.55 26.59 21.88
CA ALA D 196 -3.12 27.23 20.70
C ALA D 196 -4.33 26.48 20.15
N ARG D 197 -4.40 25.18 20.40
CA ARG D 197 -5.52 24.36 19.93
C ARG D 197 -6.70 24.38 20.89
N GLY D 198 -6.61 25.22 21.91
CA GLY D 198 -7.67 25.32 22.91
C GLY D 198 -7.81 24.03 23.69
N ARG D 199 -6.75 23.24 23.68
CA ARG D 199 -6.73 21.94 24.34
C ARG D 199 -5.53 21.89 25.29
N ALA D 200 -5.37 22.93 26.09
CA ALA D 200 -4.17 23.05 26.92
C ALA D 200 -3.95 21.80 27.78
N LEU D 201 -2.69 21.46 27.98
CA LEU D 201 -2.33 20.26 28.75
C LEU D 201 -1.92 20.61 30.18
N SER D 202 -2.88 20.52 31.11
CA SER D 202 -2.63 20.82 32.51
C SER D 202 -1.79 19.73 33.17
N PRO D 203 -1.22 20.02 34.36
CA PRO D 203 -0.42 19.02 35.07
C PRO D 203 -1.23 17.74 35.30
N GLU D 204 -2.53 17.87 35.45
CA GLU D 204 -3.39 16.70 35.65
C GLU D 204 -3.58 15.93 34.36
N ASP D 205 -3.73 16.66 33.25
CA ASP D 205 -3.77 16.04 31.93
C ASP D 205 -2.45 15.27 31.68
N ARG D 206 -1.31 15.89 31.97
CA ARG D 206 -0.01 15.23 31.80
C ARG D 206 0.13 14.00 32.71
N ALA D 207 -0.32 14.12 33.96
CA ALA D 207 -0.29 12.98 34.87
C ALA D 207 -1.11 11.84 34.28
N ARG D 208 -2.29 12.16 33.77
CA ARG D 208 -3.16 11.19 33.12
C ARG D 208 -2.49 10.53 31.90
N ILE D 209 -1.87 11.34 31.03
CA ILE D 209 -1.16 10.80 29.87
C ILE D 209 -0.05 9.85 30.34
N ASP D 210 0.70 10.31 31.32
CA ASP D 210 1.78 9.52 31.89
C ASP D 210 1.31 8.16 32.40
N GLU D 211 0.21 8.13 33.15
CA GLU D 211 -0.32 6.86 33.64
C GLU D 211 -0.79 6.00 32.47
N GLY D 212 -1.39 6.64 31.48
CA GLY D 212 -1.82 5.99 30.25
C GLY D 212 -0.69 5.27 29.57
N VAL D 213 0.48 5.89 29.51
CA VAL D 213 1.66 5.26 28.93
C VAL D 213 2.27 4.21 29.86
N ARG D 214 2.55 4.63 31.08
CA ARG D 214 3.29 3.81 32.03
C ARG D 214 2.57 2.52 32.43
N ARG D 215 1.25 2.58 32.60
CA ARG D 215 0.47 1.40 33.00
C ARG D 215 -0.23 0.70 31.82
N ALA D 216 0.08 1.08 30.59
CA ALA D 216 -0.59 0.49 29.42
C ALA D 216 -0.60 -1.03 29.45
N ALA D 217 0.58 -1.65 29.58
CA ALA D 217 0.66 -3.11 29.54
C ALA D 217 -0.25 -3.71 30.61
N TYR D 218 -0.23 -3.13 31.80
CA TYR D 218 -0.97 -3.67 32.94
C TYR D 218 -2.47 -3.69 32.65
N ARG D 219 -2.98 -2.60 32.09
CA ARG D 219 -4.39 -2.52 31.71
C ARG D 219 -4.73 -3.55 30.64
N ILE D 220 -3.90 -3.64 29.63
CA ILE D 220 -4.14 -4.58 28.53
CA ILE D 220 -4.18 -4.58 28.53
C ILE D 220 -4.14 -6.02 29.04
N ILE D 221 -3.15 -6.33 29.88
CA ILE D 221 -3.02 -7.68 30.41
C ILE D 221 -4.24 -8.01 31.27
N GLU D 222 -4.68 -7.03 32.06
CA GLU D 222 -5.89 -7.19 32.86
C GLU D 222 -7.12 -7.49 31.97
N GLY D 223 -7.21 -6.78 30.85
CA GLY D 223 -8.37 -6.89 29.97
C GLY D 223 -8.40 -8.14 29.07
N LYS D 224 -7.23 -8.56 28.61
CA LYS D 224 -7.21 -9.70 27.69
C LYS D 224 -6.10 -10.71 27.94
N GLY D 225 -5.34 -10.54 29.01
CA GLY D 225 -4.40 -11.58 29.40
C GLY D 225 -2.98 -11.35 28.95
N ALA D 226 -2.80 -10.73 27.79
CA ALA D 226 -1.45 -10.48 27.25
C ALA D 226 -1.45 -9.28 26.30
N THR D 227 -0.29 -8.68 26.06
CA THR D 227 -0.19 -7.67 25.01
C THR D 227 0.58 -8.27 23.84
N TYR D 228 0.21 -7.89 22.62
CA TYR D 228 0.93 -8.44 21.47
C TYR D 228 0.78 -7.67 20.16
N TYR D 229 -0.36 -7.02 19.96
CA TYR D 229 -0.57 -6.28 18.70
C TYR D 229 0.38 -5.09 18.56
N GLY D 230 0.49 -4.28 19.61
CA GLY D 230 1.36 -3.13 19.58
C GLY D 230 2.81 -3.51 19.35
N ILE D 231 3.34 -4.36 20.23
CA ILE D 231 4.73 -4.80 20.10
C ILE D 231 4.99 -5.54 18.78
N GLY D 232 4.00 -6.33 18.34
CA GLY D 232 4.07 -7.00 17.05
C GLY D 232 4.40 -6.02 15.92
N ALA D 233 3.67 -4.91 15.85
CA ALA D 233 3.89 -3.93 14.79
C ALA D 233 5.21 -3.19 14.95
N GLY D 234 5.61 -2.94 16.19
CA GLY D 234 6.86 -2.28 16.46
C GLY D 234 8.05 -3.12 16.06
N LEU D 235 8.00 -4.40 16.40
CA LEU D 235 9.05 -5.33 16.01
C LEU D 235 9.12 -5.43 14.48
N ALA D 236 7.96 -5.49 13.84
CA ALA D 236 7.95 -5.59 12.38
C ALA D 236 8.63 -4.35 11.78
N ARG D 237 8.42 -3.20 12.42
CA ARG D 237 9.03 -1.96 11.97
C ARG D 237 10.54 -1.95 12.15
N LEU D 238 11.02 -2.45 13.28
CA LEU D 238 12.45 -2.55 13.51
C LEU D 238 13.10 -3.56 12.56
N VAL D 239 12.40 -4.66 12.30
CA VAL D 239 12.87 -5.67 11.34
C VAL D 239 13.02 -5.01 9.96
N ARG D 240 12.02 -4.23 9.58
CA ARG D 240 12.13 -3.52 8.30
C ARG D 240 13.36 -2.61 8.28
N ALA D 241 13.57 -1.84 9.34
CA ALA D 241 14.73 -0.94 9.38
C ALA D 241 16.04 -1.69 9.17
N ILE D 242 16.15 -2.88 9.76
CA ILE D 242 17.36 -3.68 9.60
C ILE D 242 17.50 -4.24 8.18
N LEU D 243 16.43 -4.87 7.67
CA LEU D 243 16.46 -5.46 6.34
C LEU D 243 16.77 -4.45 5.23
N THR D 244 16.29 -3.22 5.38
CA THR D 244 16.41 -2.21 4.33
C THR D 244 17.56 -1.26 4.58
N ASP D 245 18.31 -1.50 5.65
CA ASP D 245 19.38 -0.60 6.07
C ASP D 245 18.87 0.84 6.08
N GLU D 246 17.78 1.02 6.80
CA GLU D 246 17.00 2.25 6.72
C GLU D 246 17.72 3.43 7.35
N LYS D 247 18.41 3.17 8.46
CA LYS D 247 19.05 4.21 9.24
C LYS D 247 18.00 5.16 9.78
N GLY D 248 16.86 4.59 10.17
CA GLY D 248 15.81 5.33 10.83
C GLY D 248 16.17 5.48 12.29
N VAL D 249 15.62 6.51 12.95
CA VAL D 249 15.97 6.81 14.31
C VAL D 249 14.86 6.37 15.23
N TYR D 250 15.17 5.41 16.10
CA TYR D 250 14.19 4.83 17.02
C TYR D 250 14.74 4.79 18.44
N THR D 251 13.83 4.80 19.42
CA THR D 251 14.22 4.65 20.81
C THR D 251 14.21 3.16 21.14
N VAL D 252 15.36 2.52 21.02
CA VAL D 252 15.48 1.09 21.31
C VAL D 252 16.63 0.84 22.29
N SER D 253 16.64 -0.35 22.90
CA SER D 253 17.59 -0.67 23.95
C SER D 253 18.86 -1.33 23.38
N ALA D 254 20.01 -1.02 23.96
CA ALA D 254 21.27 -1.64 23.55
C ALA D 254 22.30 -1.36 24.62
N PHE D 255 23.41 -2.09 24.59
CA PHE D 255 24.45 -1.89 25.59
C PHE D 255 25.01 -0.47 25.49
N THR D 256 24.98 0.23 26.63
CA THR D 256 25.42 1.63 26.70
C THR D 256 26.58 1.79 27.68
N PRO D 257 27.75 2.19 27.16
CA PRO D 257 28.97 2.30 27.98
C PRO D 257 28.83 3.29 29.14
N GLU D 258 28.18 4.43 28.88
CA GLU D 258 27.90 5.42 29.91
C GLU D 258 26.66 6.23 29.53
N VAL D 259 25.75 6.39 30.47
CA VAL D 259 24.57 7.22 30.30
C VAL D 259 24.14 7.82 31.64
N ALA D 260 24.02 9.15 31.66
CA ALA D 260 23.64 9.85 32.88
C ALA D 260 24.51 9.46 34.07
N GLY D 261 25.77 9.13 33.80
CA GLY D 261 26.73 8.81 34.83
C GLY D 261 26.77 7.34 35.22
N VAL D 262 25.83 6.55 34.69
CA VAL D 262 25.82 5.13 34.99
C VAL D 262 26.57 4.36 33.91
N LEU D 263 27.36 3.38 34.33
CA LEU D 263 28.24 2.66 33.42
C LEU D 263 27.69 1.30 33.01
N GLU D 264 27.91 0.96 31.73
CA GLU D 264 27.68 -0.38 31.23
C GLU D 264 26.28 -0.93 31.52
N VAL D 265 25.28 -0.34 30.89
CA VAL D 265 23.89 -0.73 31.12
C VAL D 265 23.09 -0.65 29.84
N SER D 266 22.15 -1.58 29.65
CA SER D 266 21.28 -1.56 28.49
C SER D 266 19.98 -0.86 28.82
N LEU D 267 19.67 0.18 28.05
CA LEU D 267 18.40 0.87 28.19
C LEU D 267 18.14 1.63 26.88
N SER D 268 16.95 2.21 26.75
CA SER D 268 16.61 2.89 25.51
C SER D 268 17.11 4.33 25.40
N LEU D 269 17.74 4.63 24.26
CA LEU D 269 18.06 5.98 23.84
C LEU D 269 17.78 6.10 22.34
N PRO D 270 17.66 7.33 21.82
CA PRO D 270 17.43 7.42 20.37
C PRO D 270 18.64 6.85 19.63
N ARG D 271 18.40 5.92 18.72
CA ARG D 271 19.49 5.26 18.00
C ARG D 271 19.20 5.12 16.51
N ILE D 272 20.25 5.13 15.71
CA ILE D 272 20.15 4.91 14.26
C ILE D 272 20.20 3.41 13.97
N LEU D 273 19.14 2.89 13.35
CA LEU D 273 18.99 1.45 13.15
C LEU D 273 19.10 1.07 11.68
N GLY D 274 20.00 0.14 11.39
CA GLY D 274 20.24 -0.30 10.04
C GLY D 274 20.67 -1.75 9.95
N ALA D 275 21.32 -2.06 8.84
CA ALA D 275 21.61 -3.44 8.43
C ALA D 275 22.48 -4.20 9.42
N GLY D 276 23.28 -3.48 10.19
CA GLY D 276 24.13 -4.15 11.18
C GLY D 276 23.68 -3.90 12.60
N GLY D 277 22.42 -3.49 12.77
CA GLY D 277 21.91 -3.10 14.08
C GLY D 277 22.09 -1.61 14.34
N VAL D 278 22.47 -1.26 15.57
CA VAL D 278 22.67 0.14 15.93
C VAL D 278 23.84 0.75 15.17
N ALA D 279 23.58 1.79 14.39
CA ALA D 279 24.63 2.46 13.64
C ALA D 279 25.18 3.65 14.41
N GLY D 280 24.40 4.14 15.37
CA GLY D 280 24.80 5.29 16.16
C GLY D 280 23.82 5.54 17.30
N THR D 281 24.31 6.19 18.36
CA THR D 281 23.51 6.48 19.55
C THR D 281 23.53 7.98 19.87
N VAL D 282 22.36 8.52 20.20
CA VAL D 282 22.27 9.91 20.63
C VAL D 282 22.01 10.02 22.14
N TYR D 283 22.69 10.98 22.77
CA TYR D 283 22.48 11.29 24.17
C TYR D 283 21.84 12.68 24.28
N PRO D 284 20.50 12.74 24.17
CA PRO D 284 19.83 14.05 24.14
C PRO D 284 19.95 14.85 25.44
N SER D 285 19.95 16.17 25.30
CA SER D 285 19.94 17.07 26.45
C SER D 285 18.53 17.10 27.03
N LEU D 286 18.38 16.56 28.24
CA LEU D 286 17.07 16.46 28.86
C LEU D 286 16.85 17.63 29.81
N SER D 287 15.62 17.82 30.27
CA SER D 287 15.37 18.79 31.31
C SER D 287 16.14 18.28 32.51
N PRO D 288 16.42 19.15 33.49
CA PRO D 288 17.09 18.65 34.70
C PRO D 288 16.31 17.50 35.33
N GLU D 289 14.99 17.61 35.35
CA GLU D 289 14.15 16.60 36.00
C GLU D 289 14.16 15.27 35.24
N GLU D 290 14.16 15.35 33.91
CA GLU D 290 14.17 14.15 33.07
C GLU D 290 15.52 13.48 33.22
N ARG D 291 16.58 14.29 33.20
CA ARG D 291 17.94 13.76 33.33
C ARG D 291 18.10 12.95 34.62
N ALA D 292 17.49 13.40 35.71
CA ALA D 292 17.61 12.70 36.99
C ALA D 292 16.79 11.42 36.96
N ALA D 293 15.61 11.49 36.35
CA ALA D 293 14.75 10.33 36.15
C ALA D 293 15.47 9.24 35.36
N LEU D 294 16.17 9.64 34.31
CA LEU D 294 16.91 8.68 33.48
C LEU D 294 18.01 8.03 34.29
N ARG D 295 18.62 8.80 35.19
CA ARG D 295 19.68 8.26 36.04
C ARG D 295 19.14 7.17 36.95
N ARG D 296 18.00 7.44 37.59
CA ARG D 296 17.37 6.44 38.46
C ARG D 296 17.00 5.19 37.66
N SER D 297 16.54 5.38 36.43
CA SER D 297 16.15 4.26 35.59
C SER D 297 17.36 3.40 35.21
N ALA D 298 18.45 4.05 34.78
CA ALA D 298 19.67 3.32 34.45
C ALA D 298 20.23 2.60 35.68
N GLU D 299 20.16 3.27 36.83
CA GLU D 299 20.58 2.65 38.09
C GLU D 299 19.75 1.40 38.42
N ILE D 300 18.43 1.49 38.28
CA ILE D 300 17.56 0.33 38.50
C ILE D 300 17.98 -0.86 37.62
N LEU D 301 18.17 -0.61 36.33
CA LEU D 301 18.55 -1.67 35.42
C LEU D 301 19.94 -2.28 35.74
N LYS D 302 20.90 -1.42 36.03
CA LYS D 302 22.26 -1.89 36.31
C LYS D 302 22.24 -2.80 37.53
N GLU D 303 21.44 -2.43 38.52
CA GLU D 303 21.28 -3.23 39.73
C GLU D 303 20.70 -4.60 39.41
N ALA D 304 19.61 -4.62 38.66
CA ALA D 304 18.95 -5.87 38.30
C ALA D 304 19.88 -6.79 37.49
N ALA D 305 20.61 -6.21 36.54
CA ALA D 305 21.57 -6.97 35.75
C ALA D 305 22.66 -7.54 36.65
N PHE D 306 23.18 -6.70 37.53
CA PHE D 306 24.29 -7.06 38.38
C PHE D 306 23.97 -8.26 39.27
N ALA D 307 22.71 -8.39 39.69
CA ALA D 307 22.32 -9.46 40.60
C ALA D 307 22.52 -10.84 39.98
N LEU D 308 22.42 -10.93 38.66
CA LEU D 308 22.64 -12.20 37.96
C LEU D 308 24.07 -12.35 37.45
N GLY D 309 24.89 -11.34 37.69
CA GLY D 309 26.28 -11.36 37.22
C GLY D 309 26.46 -10.75 35.84
N PHE D 310 25.43 -10.06 35.36
CA PHE D 310 25.50 -9.35 34.09
C PHE D 310 25.64 -7.85 34.38
S SO4 E . 5.62 15.82 10.19
O1 SO4 E . 5.70 16.03 11.63
O2 SO4 E . 6.72 14.94 9.78
O3 SO4 E . 4.34 15.17 9.87
O4 SO4 E . 5.75 17.11 9.50
C1 OXM F . 1.53 2.16 -28.35
N1 OXM F . 1.89 3.38 -28.70
O1 OXM F . 2.14 1.13 -28.73
C2 OXM F . 0.32 2.00 -27.51
O2 OXM F . -0.44 1.05 -27.80
O3 OXM F . 0.04 2.81 -26.59
PA NAD G . 10.57 9.88 -26.75
O1A NAD G . 10.78 10.22 -28.26
O2A NAD G . 9.31 10.35 -25.98
O5B NAD G . 11.54 8.78 -26.13
C5B NAD G . 12.64 8.33 -26.85
C4B NAD G . 14.02 8.49 -26.26
O4B NAD G . 14.95 7.53 -26.72
C3B NAD G . 14.61 9.83 -26.60
O3B NAD G . 14.76 10.58 -25.44
C2B NAD G . 15.91 9.54 -27.21
O2B NAD G . 16.88 10.46 -26.82
C1B NAD G . 16.19 8.15 -26.70
N9A NAD G . 17.20 7.45 -27.45
C8A NAD G . 17.25 7.29 -28.79
N7A NAD G . 18.35 6.56 -29.09
C5A NAD G . 18.98 6.24 -27.94
C6A NAD G . 20.14 5.52 -27.60
N6A NAD G . 20.93 4.93 -28.63
N1A NAD G . 20.51 5.39 -26.32
C2A NAD G . 19.78 5.96 -25.34
N3A NAD G . 18.66 6.65 -25.62
C4A NAD G . 18.26 6.82 -26.88
O3 NAD G . 9.63 8.69 -27.29
PN NAD G . 8.62 7.83 -26.38
O1N NAD G . 9.17 7.73 -24.99
O2N NAD G . 7.28 8.51 -26.29
O5D NAD G . 8.37 6.40 -26.95
C5D NAD G . 9.34 5.39 -26.90
C4D NAD G . 9.00 4.14 -27.70
O4D NAD G . 8.07 3.42 -27.00
C3D NAD G . 8.40 4.44 -29.06
O3D NAD G . 8.83 3.56 -30.00
C2D NAD G . 6.96 4.29 -28.90
O2D NAD G . 6.33 3.93 -30.07
C1D NAD G . 6.94 3.16 -27.92
N1N NAD G . 5.62 2.82 -27.21
C2N NAD G . 5.34 1.52 -27.06
C3N NAD G . 4.18 1.11 -26.41
C7N NAD G . 3.93 -0.35 -26.25
O7N NAD G . 4.82 -1.16 -26.49
N7N NAD G . 2.65 -0.78 -25.76
C4N NAD G . 3.32 2.10 -25.92
C5N NAD G . 3.64 3.45 -26.08
C6N NAD G . 4.83 3.80 -26.75
S SO4 H . -11.36 -12.99 -9.66
O1 SO4 H . -11.48 -11.64 -9.14
O2 SO4 H . -9.93 -13.42 -9.61
O3 SO4 H . -12.18 -13.90 -8.86
O4 SO4 H . -11.80 -13.00 -11.05
C1 OXM I . 4.91 -5.30 27.80
N1 OXM I . 4.15 -6.27 28.28
O1 OXM I . 6.17 -5.32 27.89
C2 OXM I . 4.24 -4.14 27.16
O2 OXM I . 4.67 -2.99 27.39
O3 OXM I . 3.26 -4.32 26.41
PA NAD J . 3.63 -17.03 24.77
O1A NAD J . 3.66 -17.66 26.17
O2A NAD J . 2.39 -16.21 24.31
O5B NAD J . 4.93 -17.06 23.90
C5B NAD J . 6.04 -17.81 24.27
C4B NAD J . 6.52 -18.85 23.30
O4B NAD J . 7.93 -19.06 23.35
C3B NAD J . 5.87 -20.16 23.57
O3B NAD J . 5.12 -20.58 22.49
C2B NAD J . 6.99 -21.07 23.89
O2B NAD J . 6.76 -22.36 23.48
C1B NAD J . 8.13 -20.42 23.16
N9A NAD J . 9.43 -20.83 23.70
C8A NAD J . 9.77 -20.82 24.99
N7A NAD J . 11.07 -21.14 25.08
C5A NAD J . 11.53 -21.42 23.87
C6A NAD J . 12.76 -21.82 23.34
N6A NAD J . 13.86 -22.14 24.19
N1A NAD J . 12.91 -21.94 22.00
C2A NAD J . 11.87 -21.69 21.19
N3A NAD J . 10.67 -21.31 21.64
C4A NAD J . 10.49 -21.16 22.96
O3 NAD J . 4.21 -15.68 25.42
PN NAD J . 4.10 -14.16 24.89
O1N NAD J . 4.30 -14.12 23.41
O2N NAD J . 2.77 -13.57 25.23
O5D NAD J . 5.17 -13.25 25.58
C5D NAD J . 6.51 -13.43 25.25
C4D NAD J . 7.51 -12.51 25.91
O4D NAD J . 7.49 -11.28 25.29
C3D NAD J . 7.24 -12.29 27.38
O3D NAD J . 8.43 -12.25 28.05
C2D NAD J . 6.56 -10.98 27.44
O2D NAD J . 6.73 -10.38 28.68
C1D NAD J . 7.21 -10.25 26.31
N1N NAD J . 6.59 -8.92 25.76
C2N NAD J . 7.42 -7.91 25.51
C3N NAD J . 6.95 -6.67 25.09
C7N NAD J . 7.91 -5.60 24.78
O7N NAD J . 9.10 -5.88 24.62
N7N NAD J . 7.39 -4.33 24.40
C4N NAD J . 5.57 -6.51 24.91
C5N NAD J . 4.72 -7.58 25.20
C6N NAD J . 5.27 -8.80 25.62
#